data_2PLO
# 
_entry.id   2PLO 
# 
_audit_conform.dict_name       mmcif_pdbx.dic 
_audit_conform.dict_version    5.377 
_audit_conform.dict_location   http://mmcif.pdb.org/dictionaries/ascii/mmcif_pdbx.dic 
# 
loop_
_database_2.database_id 
_database_2.database_code 
_database_2.pdbx_database_accession 
_database_2.pdbx_DOI 
PDB   2PLO         pdb_00002plo 10.2210/pdb2plo/pdb 
NDB   AD0071       ?            ?                   
RCSB  RCSB042513   ?            ?                   
WWPDB D_1000042513 ?            ?                   
# 
loop_
_pdbx_database_related.db_name 
_pdbx_database_related.db_id 
_pdbx_database_related.details 
_pdbx_database_related.content_type 
PDB 115D 'D-(GG[Br]UA[Br]UACC), with the two Br replacing THY methyl groups' unspecified 
PDB 1VJ4 'D-(GGTATACC) initial structure'                                    unspecified 
PDB 2PKV 'D-(GGTATACC) ambient pressure'                                     unspecified 
PDB 2PL4 'D-(GGTATACC) under 0.55 GPA hydrostatic pressure'                  unspecified 
PDB 2PL8 'D-(GGTATACC) under 1.04 GPA hydrostatic pressure'                  unspecified 
PDB 2PLB 'D-(GGTATACC) at 1.39 GPA hydrostatic pressure'                     unspecified 
PDB 2PLO 'D-(GTATACC) LOW TEMPERATURE (100K)'                                unspecified 
# 
_pdbx_database_status.status_code                     REL 
_pdbx_database_status.entry_id                        2PLO 
_pdbx_database_status.recvd_initial_deposition_date   2007-04-20 
_pdbx_database_status.deposit_site                    RCSB 
_pdbx_database_status.process_site                    RCSB 
_pdbx_database_status.status_code_sf                  REL 
_pdbx_database_status.status_code_mr                  ? 
_pdbx_database_status.SG_entry                        ? 
_pdbx_database_status.pdb_format_compatible           Y 
_pdbx_database_status.status_code_cs                  ? 
_pdbx_database_status.status_code_nmr_data            ? 
_pdbx_database_status.methods_development_category    ? 
# 
loop_
_audit_author.name 
_audit_author.pdbx_ordinal 
'Prange, T.'           1 
'Lecouvey, M.'         2 
'Migianu-Griffoni, E.' 3 
# 
loop_
_citation.id 
_citation.title 
_citation.journal_abbrev 
_citation.journal_volume 
_citation.page_first 
_citation.page_last 
_citation.year 
_citation.journal_id_ASTM 
_citation.country 
_citation.journal_id_ISSN 
_citation.journal_id_CSD 
_citation.book_publisher 
_citation.pdbx_database_id_PubMed 
_citation.pdbx_database_id_DOI 
primary 'Adaptation of macromolecular crystals to extreme conditions: high pressure versus low temperature' 'To be Published' ? ? 
? ? ? ? ? 0353 ? ? ? 
1       'Adaptation of base paired double helix architecture to extreme pressure'                           'To be Published' ? ? 
? ? ? ? ? 0353 ? ? ? 
# 
loop_
_citation_author.citation_id 
_citation_author.name 
_citation_author.ordinal 
_citation_author.identifier_ORCID 
primary 'Prange, T.'           1  ? 
primary 'Girard, E.'           2  ? 
primary 'Kahn, R.'             3  ? 
primary 'Lecouvey, M.'         4  ? 
primary 'Migianu-Griffoni, E.' 5  ? 
primary 'Mezouar, M.'          6  ? 
primary 'Fourme, R.'           7  ? 
1       'Girard, E.'           8  ? 
1       'Prange, T.'           9  ? 
1       'Dhaussy, A.C.'        10 ? 
1       'Migianu-Griffoni, E.' 11 ? 
1       'Lecouvey, M.'         12 ? 
1       'Chervin, J.C.'        13 ? 
1       'Mezouar, M.'          14 ? 
1       'Kahn, R.'             15 ? 
1       'Fourme, R.'           16 ? 
# 
_cell.entry_id           2PLO 
_cell.length_a           44.783 
_cell.length_b           44.783 
_cell.length_c           41.393 
_cell.angle_alpha        90.00 
_cell.angle_beta         90.00 
_cell.angle_gamma        120.00 
_cell.Z_PDB              12 
_cell.pdbx_unique_axis   ? 
_cell.length_a_esd       ? 
_cell.length_b_esd       ? 
_cell.length_c_esd       ? 
_cell.angle_alpha_esd    ? 
_cell.angle_beta_esd     ? 
_cell.angle_gamma_esd    ? 
# 
_symmetry.entry_id                         2PLO 
_symmetry.space_group_name_H-M             'P 61' 
_symmetry.pdbx_full_space_group_name_H-M   ? 
_symmetry.cell_setting                     ? 
_symmetry.Int_Tables_number                169 
_symmetry.space_group_name_Hall            ? 
# 
loop_
_entity.id 
_entity.type 
_entity.src_method 
_entity.pdbx_description 
_entity.formula_weight 
_entity.pdbx_number_of_molecules 
_entity.pdbx_ec 
_entity.pdbx_mutation 
_entity.pdbx_fragment 
_entity.details 
1 polymer     syn "5'-D(*DGP*DGP*DTP*DAP*DTP*DAP*DCP*DC)-3'" 2426.617 2  ? ? ? ? 
2 non-polymer syn 'SODIUM ION'                               22.990   1  ? ? ? ? 
3 water       nat water                                      18.015   70 ? ? ? ? 
# 
_entity_poly.entity_id                      1 
_entity_poly.type                           polydeoxyribonucleotide 
_entity_poly.nstd_linkage                   no 
_entity_poly.nstd_monomer                   no 
_entity_poly.pdbx_seq_one_letter_code       '(DG)(DG)(DT)(DA)(DT)(DA)(DC)(DC)' 
_entity_poly.pdbx_seq_one_letter_code_can   GGTATACC 
_entity_poly.pdbx_strand_id                 A,B 
_entity_poly.pdbx_target_identifier         ? 
# 
loop_
_entity_poly_seq.entity_id 
_entity_poly_seq.num 
_entity_poly_seq.mon_id 
_entity_poly_seq.hetero 
1 1 DG n 
1 2 DG n 
1 3 DT n 
1 4 DA n 
1 5 DT n 
1 6 DA n 
1 7 DC n 
1 8 DC n 
# 
_pdbx_entity_src_syn.entity_id              1 
_pdbx_entity_src_syn.pdbx_src_id            1 
_pdbx_entity_src_syn.pdbx_alt_source_flag   sample 
_pdbx_entity_src_syn.pdbx_beg_seq_num       ? 
_pdbx_entity_src_syn.pdbx_end_seq_num       ? 
_pdbx_entity_src_syn.organism_scientific    ? 
_pdbx_entity_src_syn.organism_common_name   ? 
_pdbx_entity_src_syn.ncbi_taxonomy_id       ? 
_pdbx_entity_src_syn.details                'automated solid synthesis' 
# 
_struct_ref.id                         1 
_struct_ref.db_name                    PDB 
_struct_ref.db_code                    2PLO 
_struct_ref.entity_id                  1 
_struct_ref.pdbx_seq_one_letter_code   GGTATACC 
_struct_ref.pdbx_align_begin           1 
_struct_ref.pdbx_db_accession          2PLO 
_struct_ref.pdbx_db_isoform            ? 
# 
loop_
_struct_ref_seq.align_id 
_struct_ref_seq.ref_id 
_struct_ref_seq.pdbx_PDB_id_code 
_struct_ref_seq.pdbx_strand_id 
_struct_ref_seq.seq_align_beg 
_struct_ref_seq.pdbx_seq_align_beg_ins_code 
_struct_ref_seq.seq_align_end 
_struct_ref_seq.pdbx_seq_align_end_ins_code 
_struct_ref_seq.pdbx_db_accession 
_struct_ref_seq.db_align_beg 
_struct_ref_seq.pdbx_db_align_beg_ins_code 
_struct_ref_seq.db_align_end 
_struct_ref_seq.pdbx_db_align_end_ins_code 
_struct_ref_seq.pdbx_auth_seq_align_beg 
_struct_ref_seq.pdbx_auth_seq_align_end 
1 1 2PLO A 1 ? 8 ? 2PLO 1 ? 8 ? 1 8 
2 1 2PLO B 1 ? 8 ? 2PLO 1 ? 8 ? 1 8 
# 
loop_
_chem_comp.id 
_chem_comp.type 
_chem_comp.mon_nstd_flag 
_chem_comp.name 
_chem_comp.pdbx_synonyms 
_chem_comp.formula 
_chem_comp.formula_weight 
DA  'DNA linking' y "2'-DEOXYADENOSINE-5'-MONOPHOSPHATE" ? 'C10 H14 N5 O6 P' 331.222 
DC  'DNA linking' y "2'-DEOXYCYTIDINE-5'-MONOPHOSPHATE"  ? 'C9 H14 N3 O7 P'  307.197 
DG  'DNA linking' y "2'-DEOXYGUANOSINE-5'-MONOPHOSPHATE" ? 'C10 H14 N5 O7 P' 347.221 
DT  'DNA linking' y "THYMIDINE-5'-MONOPHOSPHATE"         ? 'C10 H15 N2 O8 P' 322.208 
HOH non-polymer   . WATER                                ? 'H2 O'            18.015  
NA  non-polymer   . 'SODIUM ION'                         ? 'Na 1'            22.990  
# 
_exptl.entry_id          2PLO 
_exptl.method            'X-RAY DIFFRACTION' 
_exptl.crystals_number   1 
# 
_exptl_crystal.id                    1 
_exptl_crystal.density_meas          ? 
_exptl_crystal.density_Matthews      2.37 
_exptl_crystal.density_percent_sol   48.21 
_exptl_crystal.description           ? 
_exptl_crystal.F_000                 ? 
_exptl_crystal.preparation           ? 
# 
_exptl_crystal_grow.crystal_id      1 
_exptl_crystal_grow.method          'VAPOR DIFFUSION, SITTING DROP' 
_exptl_crystal_grow.temp            290 
_exptl_crystal_grow.temp_details    ? 
_exptl_crystal_grow.pH              7 
_exptl_crystal_grow.pdbx_details    
;20 mg dissolved in 0.2 ml of 15 % MPD, 10-2 M sodium cacodylate buffer. Additives : 10-5M sodium azide, 10-2 M MgCl2 and 2.10-2 M spermine chloride, pH 7, VAPOR DIFFUSION, SITTING DROP, temperature 290K
;
_exptl_crystal_grow.pdbx_pH_range   . 
# 
loop_
_exptl_crystal_grow_comp.crystal_id 
_exptl_crystal_grow_comp.id 
_exptl_crystal_grow_comp.sol_id 
_exptl_crystal_grow_comp.name 
_exptl_crystal_grow_comp.volume 
_exptl_crystal_grow_comp.conc 
_exptl_crystal_grow_comp.details 
1 1  1 MPD                 ? ? ? 
1 2  1 'sodium cacodylate' ? ? ? 
1 3  1 'sodium azide'      ? ? ? 
1 4  1 MgCl2               ? ? ? 
1 5  1 'spermine chloride' ? ? ? 
1 6  2 MPD                 ? ? ? 
1 7  2 'sodium cacodylate' ? ? ? 
1 8  2 'sodium azide'      ? ? ? 
1 9  2 MgCl2               ? ? ? 
1 10 2 'spermine chloride' ? ? ? 
# 
_diffrn.id                     1 
_diffrn.ambient_temp           100 
_diffrn.ambient_temp_details   ? 
_diffrn.crystal_id             1 
# 
_diffrn_detector.diffrn_id              1 
_diffrn_detector.detector               CCD 
_diffrn_detector.type                   'ADSC QUANTUM 315' 
_diffrn_detector.pdbx_collection_date   2006-11-10 
_diffrn_detector.details                'Si(111)' 
# 
_diffrn_radiation.diffrn_id                        1 
_diffrn_radiation.wavelength_id                    1 
_diffrn_radiation.pdbx_monochromatic_or_laue_m_l   M 
_diffrn_radiation.monochromator                    ? 
_diffrn_radiation.pdbx_diffrn_protocol             'SINGLE WAVELENGTH' 
_diffrn_radiation.pdbx_scattering_type             x-ray 
# 
_diffrn_radiation_wavelength.id           1 
_diffrn_radiation_wavelength.wavelength   0.962 
_diffrn_radiation_wavelength.wt           1.0 
# 
_diffrn_source.diffrn_id                   1 
_diffrn_source.source                      SYNCHROTRON 
_diffrn_source.type                        'ESRF BEAMLINE BM14' 
_diffrn_source.pdbx_synchrotron_site       ESRF 
_diffrn_source.pdbx_synchrotron_beamline   BM14 
_diffrn_source.pdbx_wavelength             ? 
_diffrn_source.pdbx_wavelength_list        0.962 
# 
_reflns.entry_id                     2PLO 
_reflns.observed_criterion_sigma_I   4 
_reflns.observed_criterion_sigma_F   2 
_reflns.d_resolution_low             10.0 
_reflns.d_resolution_high            1.400 
_reflns.number_obs                   9382 
_reflns.number_all                   ? 
_reflns.percent_possible_obs         94.5 
_reflns.pdbx_Rmerge_I_obs            0.051 
_reflns.pdbx_Rsym_value              ? 
_reflns.pdbx_netI_over_sigmaI        20.2 
_reflns.B_iso_Wilson_estimate        ? 
_reflns.pdbx_redundancy              4.5 
_reflns.R_free_details               ? 
_reflns.pdbx_chi_squared             ? 
_reflns.pdbx_scaling_rejects         ? 
_reflns.pdbx_diffrn_id               1 
_reflns.pdbx_ordinal                 1 
# 
_reflns_shell.d_res_high             1.40 
_reflns_shell.d_res_low              1.50 
_reflns_shell.percent_possible_all   99.8 
_reflns_shell.Rmerge_I_obs           0.191 
_reflns_shell.pdbx_Rsym_value        ? 
_reflns_shell.meanI_over_sigI_obs    3.9 
_reflns_shell.pdbx_redundancy        4.4 
_reflns_shell.percent_possible_obs   ? 
_reflns_shell.number_unique_all      ? 
_reflns_shell.number_measured_all    ? 
_reflns_shell.number_measured_obs    ? 
_reflns_shell.number_unique_obs      ? 
_reflns_shell.pdbx_chi_squared       ? 
_reflns_shell.pdbx_diffrn_id         ? 
_reflns_shell.pdbx_ordinal           1 
# 
_refine.entry_id                                 2PLO 
_refine.ls_number_reflns_obs                     8870 
_refine.ls_number_reflns_all                     9357 
_refine.pdbx_ls_sigma_I                          4 
_refine.pdbx_ls_sigma_F                          2 
_refine.pdbx_data_cutoff_high_absF               ? 
_refine.pdbx_data_cutoff_low_absF                ? 
_refine.pdbx_data_cutoff_high_rms_absF           ? 
_refine.ls_d_res_low                             10.00 
_refine.ls_d_res_high                            1.40 
_refine.ls_percent_reflns_obs                    100.0 
_refine.ls_R_factor_obs                          0.1773 
_refine.ls_R_factor_all                          0.1796 
_refine.ls_R_factor_R_work                       0.1700 
_refine.ls_R_factor_R_free                       ? 
_refine.ls_R_factor_R_free_error                 ? 
_refine.ls_R_factor_R_free_error_details         ? 
_refine.ls_percent_reflns_R_free                 ? 
_refine.ls_number_reflns_R_free                  ? 
_refine.ls_number_parameters                     1579 
_refine.ls_number_restraints                     1606 
_refine.occupancy_min                            ? 
_refine.occupancy_max                            ? 
_refine.correlation_coeff_Fo_to_Fc               ? 
_refine.correlation_coeff_Fo_to_Fc_free          ? 
_refine.B_iso_mean                               ? 
_refine.aniso_B[1][1]                            ? 
_refine.aniso_B[2][2]                            ? 
_refine.aniso_B[3][3]                            ? 
_refine.aniso_B[1][2]                            ? 
_refine.aniso_B[1][3]                            ? 
_refine.aniso_B[2][3]                            ? 
_refine.solvent_model_details                    ? 
_refine.solvent_model_param_ksol                 ? 
_refine.solvent_model_param_bsol                 ? 
_refine.pdbx_solvent_vdw_probe_radii             ? 
_refine.pdbx_solvent_ion_probe_radii             ? 
_refine.pdbx_solvent_shrinkage_radii             ? 
_refine.pdbx_ls_cross_valid_method               NONE 
_refine.details                                  ? 
_refine.pdbx_starting_model                      2PL8 
_refine.pdbx_method_to_determine_struct          'FOURIER SYNTHESIS' 
_refine.pdbx_isotropic_thermal_model             'individual isotropic B factors' 
_refine.pdbx_stereochemistry_target_values       ? 
_refine.pdbx_stereochem_target_val_spec_case     ? 
_refine.pdbx_R_Free_selection_details            ? 
_refine.pdbx_overall_ESU_R                       ? 
_refine.pdbx_overall_ESU_R_Free                  ? 
_refine.overall_SU_ML                            ? 
_refine.overall_SU_B                             ? 
_refine.ls_redundancy_reflns_obs                 ? 
_refine.overall_SU_R_Cruickshank_DPI             ? 
_refine.overall_SU_R_free                        ? 
_refine.ls_wR_factor_R_free                      ? 
_refine.ls_wR_factor_R_work                      ? 
_refine.overall_FOM_free_R_set                   ? 
_refine.overall_FOM_work_R_set                   ? 
_refine.pdbx_overall_phase_error                 ? 
_refine.pdbx_refine_id                           'X-RAY DIFFRACTION' 
_refine.pdbx_diffrn_id                           1 
_refine.pdbx_TLS_residual_ADP_flag               ? 
_refine.pdbx_overall_SU_R_free_Cruickshank_DPI   ? 
_refine.pdbx_overall_SU_R_Blow_DPI               ? 
_refine.pdbx_overall_SU_R_free_Blow_DPI          ? 
# 
_refine_analyze.entry_id                        2PLO 
_refine_analyze.Luzzati_coordinate_error_obs    ? 
_refine_analyze.Luzzati_sigma_a_obs             ? 
_refine_analyze.Luzzati_d_res_low_obs           ? 
_refine_analyze.Luzzati_coordinate_error_free   ? 
_refine_analyze.Luzzati_sigma_a_free            ? 
_refine_analyze.Luzzati_d_res_low_free          ? 
_refine_analyze.number_disordered_residues      0 
_refine_analyze.occupancy_sum_hydrogen          182.00 
_refine_analyze.occupancy_sum_non_hydrogen      393.00 
_refine_analyze.pdbx_refine_id                  'X-RAY DIFFRACTION' 
# 
_refine_hist.pdbx_refine_id                   'X-RAY DIFFRACTION' 
_refine_hist.cycle_id                         LAST 
_refine_hist.pdbx_number_atoms_protein        0 
_refine_hist.pdbx_number_atoms_nucleic_acid   322 
_refine_hist.pdbx_number_atoms_ligand         1 
_refine_hist.number_atoms_solvent             70 
_refine_hist.number_atoms_total               393 
_refine_hist.d_res_high                       1.40 
_refine_hist.d_res_low                        10.00 
# 
loop_
_refine_ls_restr.type 
_refine_ls_restr.dev_ideal 
_refine_ls_restr.dev_ideal_target 
_refine_ls_restr.weight 
_refine_ls_restr.number 
_refine_ls_restr.pdbx_refine_id 
_refine_ls_restr.pdbx_restraint_function 
s_bond_d               0.098  ? ? ? 'X-RAY DIFFRACTION' ? 
s_angle_d              0.295  ? ? ? 'X-RAY DIFFRACTION' ? 
s_similar_dist         0.000  ? ? ? 'X-RAY DIFFRACTION' ? 
s_from_restr_planes    0.0005 ? ? ? 'X-RAY DIFFRACTION' ? 
s_zero_chiral_vol      0.000  ? ? ? 'X-RAY DIFFRACTION' ? 
s_non_zero_chiral_vol  0.015  ? ? ? 'X-RAY DIFFRACTION' ? 
s_anti_bump_dis_restr  0.026  ? ? ? 'X-RAY DIFFRACTION' ? 
s_rigid_bond_adp_cmpnt 0.000  ? ? ? 'X-RAY DIFFRACTION' ? 
s_similar_adp_cmpnt    0.027  ? ? ? 'X-RAY DIFFRACTION' ? 
s_approx_iso_adps      0.000  ? ? ? 'X-RAY DIFFRACTION' ? 
# 
_pdbx_refine.entry_id                                    2PLO 
_pdbx_refine.R_factor_all_no_cutoff                      0.1796 
_pdbx_refine.R_factor_obs_no_cutoff                      ? 
_pdbx_refine.free_R_factor_no_cutoff                     ? 
_pdbx_refine.free_R_val_test_set_size_perc_no_cutoff     ? 
_pdbx_refine.free_R_val_test_set_ct_no_cutoff            ? 
_pdbx_refine.R_factor_all_4sig_cutoff                    0.1773 
_pdbx_refine.R_factor_obs_4sig_cutoff                    ? 
_pdbx_refine.free_R_factor_4sig_cutoff                   ? 
_pdbx_refine.free_R_val_test_set_size_perc_4sig_cutoff   ? 
_pdbx_refine.free_R_val_test_set_ct_4sig_cutoff          ? 
_pdbx_refine.number_reflns_obs_4sig_cutoff               8870 
_pdbx_refine.pdbx_refine_id                              'X-RAY DIFFRACTION' 
_pdbx_refine.free_R_error_no_cutoff                      ? 
# 
_struct.entry_id                  2PLO 
_struct.title                     'D-(GTATACC) low temperature (100K)' 
_struct.pdbx_model_details        ? 
_struct.pdbx_CASP_flag            ? 
_struct.pdbx_model_type_details   ? 
# 
_struct_keywords.entry_id        2PLO 
_struct_keywords.pdbx_keywords   DNA 
_struct_keywords.text            'DNA, HIGH PRESSURE, LOW TEMPERATURE, COMPRESSIBILITY, CRYSTALS' 
# 
loop_
_struct_asym.id 
_struct_asym.pdbx_blank_PDB_chainid_flag 
_struct_asym.pdbx_modified 
_struct_asym.entity_id 
_struct_asym.details 
A N N 1 ? 
B N N 1 ? 
C N N 2 ? 
D N N 3 ? 
E N N 3 ? 
# 
_struct_biol.id        1 
_struct_biol.details   'A form of DNA - double stranded helix' 
# 
loop_
_struct_conn.id 
_struct_conn.conn_type_id 
_struct_conn.pdbx_leaving_atom_flag 
_struct_conn.pdbx_PDB_id 
_struct_conn.ptnr1_label_asym_id 
_struct_conn.ptnr1_label_comp_id 
_struct_conn.ptnr1_label_seq_id 
_struct_conn.ptnr1_label_atom_id 
_struct_conn.pdbx_ptnr1_label_alt_id 
_struct_conn.pdbx_ptnr1_PDB_ins_code 
_struct_conn.pdbx_ptnr1_standard_comp_id 
_struct_conn.ptnr1_symmetry 
_struct_conn.ptnr2_label_asym_id 
_struct_conn.ptnr2_label_comp_id 
_struct_conn.ptnr2_label_seq_id 
_struct_conn.ptnr2_label_atom_id 
_struct_conn.pdbx_ptnr2_label_alt_id 
_struct_conn.pdbx_ptnr2_PDB_ins_code 
_struct_conn.ptnr1_auth_asym_id 
_struct_conn.ptnr1_auth_comp_id 
_struct_conn.ptnr1_auth_seq_id 
_struct_conn.ptnr2_auth_asym_id 
_struct_conn.ptnr2_auth_comp_id 
_struct_conn.ptnr2_auth_seq_id 
_struct_conn.ptnr2_symmetry 
_struct_conn.pdbx_ptnr3_label_atom_id 
_struct_conn.pdbx_ptnr3_label_seq_id 
_struct_conn.pdbx_ptnr3_label_comp_id 
_struct_conn.pdbx_ptnr3_label_asym_id 
_struct_conn.pdbx_ptnr3_label_alt_id 
_struct_conn.pdbx_ptnr3_PDB_ins_code 
_struct_conn.details 
_struct_conn.pdbx_dist_value 
_struct_conn.pdbx_value_order 
_struct_conn.pdbx_role 
metalc1  metalc ? ? C NA . NA ? ? ? 1_555 D HOH . O  ? ? A NA 20 A HOH 21 1_555 ? ? ? ? ? ? ?            2.063 ? ? 
metalc2  metalc ? ? C NA . NA ? ? ? 1_555 D HOH . O  ? ? A NA 20 A HOH 22 1_555 ? ? ? ? ? ? ?            2.067 ? ? 
metalc3  metalc ? ? C NA . NA ? ? ? 1_555 D HOH . O  ? ? A NA 20 A HOH 23 1_555 ? ? ? ? ? ? ?            2.068 ? ? 
metalc4  metalc ? ? C NA . NA ? ? ? 1_555 D HOH . O  ? ? A NA 20 A HOH 24 1_555 ? ? ? ? ? ? ?            2.070 ? ? 
metalc5  metalc ? ? C NA . NA ? ? ? 1_555 D HOH . O  ? ? A NA 20 A HOH 25 1_555 ? ? ? ? ? ? ?            2.052 ? ? 
hydrog1  hydrog ? ? A DG 1 N1 ? ? ? 1_555 B DC  8 N3 ? ? A DG 1  B DC  8  1_555 ? ? ? ? ? ? WATSON-CRICK ?     ? ? 
hydrog2  hydrog ? ? A DG 1 N2 ? ? ? 1_555 B DC  8 O2 ? ? A DG 1  B DC  8  1_555 ? ? ? ? ? ? WATSON-CRICK ?     ? ? 
hydrog3  hydrog ? ? A DG 1 O6 ? ? ? 1_555 B DC  8 N4 ? ? A DG 1  B DC  8  1_555 ? ? ? ? ? ? WATSON-CRICK ?     ? ? 
hydrog4  hydrog ? ? A DG 2 N1 ? ? ? 1_555 B DC  7 N3 ? ? A DG 2  B DC  7  1_555 ? ? ? ? ? ? WATSON-CRICK ?     ? ? 
hydrog5  hydrog ? ? A DG 2 N2 ? ? ? 1_555 B DC  7 O2 ? ? A DG 2  B DC  7  1_555 ? ? ? ? ? ? WATSON-CRICK ?     ? ? 
hydrog6  hydrog ? ? A DG 2 O6 ? ? ? 1_555 B DC  7 N4 ? ? A DG 2  B DC  7  1_555 ? ? ? ? ? ? WATSON-CRICK ?     ? ? 
hydrog7  hydrog ? ? A DT 3 N3 ? ? ? 1_555 B DA  6 N1 ? ? A DT 3  B DA  6  1_555 ? ? ? ? ? ? WATSON-CRICK ?     ? ? 
hydrog8  hydrog ? ? A DT 3 O4 ? ? ? 1_555 B DA  6 N6 ? ? A DT 3  B DA  6  1_555 ? ? ? ? ? ? WATSON-CRICK ?     ? ? 
hydrog9  hydrog ? ? A DA 4 N1 ? ? ? 1_555 B DT  5 N3 ? ? A DA 4  B DT  5  1_555 ? ? ? ? ? ? WATSON-CRICK ?     ? ? 
hydrog10 hydrog ? ? A DA 4 N6 ? ? ? 1_555 B DT  5 O4 ? ? A DA 4  B DT  5  1_555 ? ? ? ? ? ? WATSON-CRICK ?     ? ? 
hydrog11 hydrog ? ? A DT 5 N3 ? ? ? 1_555 B DA  4 N1 ? ? A DT 5  B DA  4  1_555 ? ? ? ? ? ? WATSON-CRICK ?     ? ? 
hydrog12 hydrog ? ? A DT 5 O4 ? ? ? 1_555 B DA  4 N6 ? ? A DT 5  B DA  4  1_555 ? ? ? ? ? ? WATSON-CRICK ?     ? ? 
hydrog13 hydrog ? ? A DA 6 N1 ? ? ? 1_555 B DT  3 N3 ? ? A DA 6  B DT  3  1_555 ? ? ? ? ? ? WATSON-CRICK ?     ? ? 
hydrog14 hydrog ? ? A DA 6 N6 ? ? ? 1_555 B DT  3 O4 ? ? A DA 6  B DT  3  1_555 ? ? ? ? ? ? WATSON-CRICK ?     ? ? 
hydrog15 hydrog ? ? A DC 7 N3 ? ? ? 1_555 B DG  2 N1 ? ? A DC 7  B DG  2  1_555 ? ? ? ? ? ? WATSON-CRICK ?     ? ? 
hydrog16 hydrog ? ? A DC 7 N4 ? ? ? 1_555 B DG  2 O6 ? ? A DC 7  B DG  2  1_555 ? ? ? ? ? ? WATSON-CRICK ?     ? ? 
hydrog17 hydrog ? ? A DC 7 O2 ? ? ? 1_555 B DG  2 N2 ? ? A DC 7  B DG  2  1_555 ? ? ? ? ? ? WATSON-CRICK ?     ? ? 
hydrog18 hydrog ? ? A DC 8 N3 ? ? ? 1_555 B DG  1 N1 ? ? A DC 8  B DG  1  1_555 ? ? ? ? ? ? WATSON-CRICK ?     ? ? 
hydrog19 hydrog ? ? A DC 8 N4 ? ? ? 1_555 B DG  1 O6 ? ? A DC 8  B DG  1  1_555 ? ? ? ? ? ? WATSON-CRICK ?     ? ? 
hydrog20 hydrog ? ? A DC 8 O2 ? ? ? 1_555 B DG  1 N2 ? ? A DC 8  B DG  1  1_555 ? ? ? ? ? ? WATSON-CRICK ?     ? ? 
# 
loop_
_struct_conn_type.id 
_struct_conn_type.criteria 
_struct_conn_type.reference 
metalc ? ? 
hydrog ? ? 
# 
_struct_site.id                   AC1 
_struct_site.pdbx_evidence_code   Software 
_struct_site.pdbx_auth_asym_id    A 
_struct_site.pdbx_auth_comp_id    NA 
_struct_site.pdbx_auth_seq_id     20 
_struct_site.pdbx_auth_ins_code   ? 
_struct_site.pdbx_num_residues    6 
_struct_site.details              'BINDING SITE FOR RESIDUE NA A 20' 
# 
loop_
_struct_site_gen.id 
_struct_site_gen.site_id 
_struct_site_gen.pdbx_num_res 
_struct_site_gen.label_comp_id 
_struct_site_gen.label_asym_id 
_struct_site_gen.label_seq_id 
_struct_site_gen.pdbx_auth_ins_code 
_struct_site_gen.auth_comp_id 
_struct_site_gen.auth_asym_id 
_struct_site_gen.auth_seq_id 
_struct_site_gen.label_atom_id 
_struct_site_gen.label_alt_id 
_struct_site_gen.symmetry 
_struct_site_gen.details 
1 AC1 6 DG  A 2 ? DG  A 2  . ? 1_555 ? 
2 AC1 6 HOH D . ? HOH A 21 . ? 1_555 ? 
3 AC1 6 HOH D . ? HOH A 22 . ? 1_555 ? 
4 AC1 6 HOH D . ? HOH A 23 . ? 1_555 ? 
5 AC1 6 HOH D . ? HOH A 24 . ? 1_555 ? 
6 AC1 6 HOH D . ? HOH A 25 . ? 1_555 ? 
# 
_atom_sites.entry_id                    2PLO 
_atom_sites.fract_transf_matrix[1][1]   -0.00422279 
_atom_sites.fract_transf_matrix[1][2]   0.02232703 
_atom_sites.fract_transf_matrix[1][3]   0.01218624 
_atom_sites.fract_transf_matrix[2][1]   -0.02407029 
_atom_sites.fract_transf_matrix[2][2]   0.00711569 
_atom_sites.fract_transf_matrix[2][3]   0.00589937 
_atom_sites.fract_transf_matrix[3][1]   0.00188830 
_atom_sites.fract_transf_matrix[3][2]   -0.01126279 
_atom_sites.fract_transf_matrix[3][3]   0.02128946 
_atom_sites.fract_transf_vector[1]      0.945862 
_atom_sites.fract_transf_vector[2]      0.431318 
_atom_sites.fract_transf_vector[3]      0.028966 
# 
loop_
_atom_type.symbol 
C  
N  
NA 
O  
P  
# 
loop_
_atom_site.group_PDB 
_atom_site.id 
_atom_site.type_symbol 
_atom_site.label_atom_id 
_atom_site.label_alt_id 
_atom_site.label_comp_id 
_atom_site.label_asym_id 
_atom_site.label_entity_id 
_atom_site.label_seq_id 
_atom_site.pdbx_PDB_ins_code 
_atom_site.Cartn_x 
_atom_site.Cartn_y 
_atom_site.Cartn_z 
_atom_site.occupancy 
_atom_site.B_iso_or_equiv 
_atom_site.pdbx_formal_charge 
_atom_site.auth_seq_id 
_atom_site.auth_comp_id 
_atom_site.auth_asym_id 
_atom_site.auth_atom_id 
_atom_site.pdbx_PDB_model_num 
ATOM   1   O  "O5'" . DG  A 1 1 ? -7.357  -1.172  -12.550 1.00 30.54 ? 1  DG  A "O5'" 1 
ATOM   2   C  "C5'" . DG  A 1 1 ? -6.355  -0.602  -11.699 1.00 19.98 ? 1  DG  A "C5'" 1 
ATOM   3   C  "C4'" . DG  A 1 1 ? -6.149  0.852   -12.062 1.00 18.78 ? 1  DG  A "C4'" 1 
ATOM   4   O  "O4'" . DG  A 1 1 ? -7.365  1.601   -11.818 1.00 15.93 ? 1  DG  A "O4'" 1 
ATOM   5   C  "C3'" . DG  A 1 1 ? -5.074  1.571   -11.264 1.00 16.35 ? 1  DG  A "C3'" 1 
ATOM   6   O  "O3'" . DG  A 1 1 ? -3.793  1.385   -11.840 1.00 17.52 ? 1  DG  A "O3'" 1 
ATOM   7   C  "C2'" . DG  A 1 1 ? -5.540  3.013   -11.323 1.00 14.63 ? 1  DG  A "C2'" 1 
ATOM   8   C  "C1'" . DG  A 1 1 ? -7.044  2.844   -11.207 1.00 13.87 ? 1  DG  A "C1'" 1 
ATOM   9   N  N9    . DG  A 1 1 ? -7.492  2.839   -9.798  1.00 13.93 ? 1  DG  A N9    1 
ATOM   10  C  C8    . DG  A 1 1 ? -8.078  1.815   -9.099  1.00 16.94 ? 1  DG  A C8    1 
ATOM   11  N  N7    . DG  A 1 1 ? -8.354  2.132   -7.865  1.00 15.08 ? 1  DG  A N7    1 
ATOM   12  C  C5    . DG  A 1 1 ? -7.927  3.448   -7.743  1.00 14.51 ? 1  DG  A C5    1 
ATOM   13  C  C6    . DG  A 1 1 ? -7.968  4.323   -6.628  1.00 16.42 ? 1  DG  A C6    1 
ATOM   14  O  O6    . DG  A 1 1 ? -8.403  4.116   -5.487  1.00 14.18 ? 1  DG  A O6    1 
ATOM   15  N  N1    . DG  A 1 1 ? -7.428  5.569   -6.935  1.00 12.75 ? 1  DG  A N1    1 
ATOM   16  C  C2    . DG  A 1 1 ? -6.915  5.927   -8.156  1.00 10.26 ? 1  DG  A C2    1 
ATOM   17  N  N2    . DG  A 1 1 ? -6.449  7.180   -8.221  1.00 13.04 ? 1  DG  A N2    1 
ATOM   18  N  N3    . DG  A 1 1 ? -6.872  5.118   -9.200  1.00 11.87 ? 1  DG  A N3    1 
ATOM   19  C  C4    . DG  A 1 1 ? -7.390  3.903   -8.928  1.00 14.02 ? 1  DG  A C4    1 
ATOM   20  P  P     . DG  A 1 2 ? -2.435  1.316   -10.993 1.00 18.08 ? 2  DG  A P     1 
ATOM   21  O  OP1   . DG  A 1 2 ? -1.318  1.188   -11.968 1.00 21.19 ? 2  DG  A OP1   1 
ATOM   22  O  OP2   . DG  A 1 2 ? -2.630  0.334   -9.896  1.00 18.63 ? 2  DG  A OP2   1 
ATOM   23  O  "O5'" . DG  A 1 2 ? -2.306  2.763   -10.316 1.00 15.53 ? 2  DG  A "O5'" 1 
ATOM   24  C  "C5'" . DG  A 1 2 ? -2.034  3.898   -11.146 1.00 14.59 ? 2  DG  A "C5'" 1 
ATOM   25  C  "C4'" . DG  A 1 2 ? -1.967  5.164   -10.341 1.00 12.38 ? 2  DG  A "C4'" 1 
ATOM   26  O  "O4'" . DG  A 1 2 ? -3.253  5.453   -9.735  1.00 13.92 ? 2  DG  A "O4'" 1 
ATOM   27  C  "C3'" . DG  A 1 2 ? -0.997  5.130   -9.169  1.00 11.87 ? 2  DG  A "C3'" 1 
ATOM   28  O  "O3'" . DG  A 1 2 ? 0.331   5.376   -9.607  1.00 12.55 ? 2  DG  A "O3'" 1 
ATOM   29  C  "C2'" . DG  A 1 2 ? -1.549  6.216   -8.272  1.00 13.49 ? 2  DG  A "C2'" 1 
ATOM   30  C  "C1'" . DG  A 1 2 ? -3.041  6.069   -8.468  1.00 10.39 ? 2  DG  A "C1'" 1 
ATOM   31  N  N9    . DG  A 1 2 ? -3.700  5.231   -7.435  1.00 10.43 ? 2  DG  A N9    1 
ATOM   32  C  C8    . DG  A 1 2 ? -4.150  3.940   -7.494  1.00 13.68 ? 2  DG  A C8    1 
ATOM   33  N  N7    . DG  A 1 2 ? -4.688  3.526   -6.368  1.00 13.51 ? 2  DG  A N7    1 
ATOM   34  C  C5    . DG  A 1 2 ? -4.580  4.621   -5.525  1.00 9.12  ? 2  DG  A C5    1 
ATOM   35  C  C6    . DG  A 1 2 ? -4.980  4.801   -4.173  1.00 11.12 ? 2  DG  A C6    1 
ATOM   36  O  O6    . DG  A 1 2 ? -5.534  3.986   -3.425  1.00 13.43 ? 2  DG  A O6    1 
ATOM   37  N  N1    . DG  A 1 2 ? -4.672  6.078   -3.719  1.00 8.92  ? 2  DG  A N1    1 
ATOM   38  C  C2    . DG  A 1 2 ? -4.062  7.065   -4.448  1.00 8.21  ? 2  DG  A C2    1 
ATOM   39  N  N2    . DG  A 1 2 ? -3.834  8.244   -3.865  1.00 9.41  ? 2  DG  A N2    1 
ATOM   40  N  N3    . DG  A 1 2 ? -3.683  6.912   -5.707  1.00 10.04 ? 2  DG  A N3    1 
ATOM   41  C  C4    . DG  A 1 2 ? -3.975  5.679   -6.164  1.00 10.24 ? 2  DG  A C4    1 
ATOM   42  P  P     . DT  A 1 3 ? 1.579   4.957   -8.693  1.00 14.79 ? 3  DT  A P     1 
ATOM   43  O  OP1   . DT  A 1 3 ? 2.817   5.250   -9.452  1.00 18.20 ? 3  DT  A OP1   1 
ATOM   44  O  OP2   . DT  A 1 3 ? 1.323   3.596   -8.162  1.00 15.46 ? 3  DT  A OP2   1 
ATOM   45  O  "O5'" . DT  A 1 3 ? 1.480   5.990   -7.481  1.00 13.09 ? 3  DT  A "O5'" 1 
ATOM   46  C  "C5'" . DT  A 1 3 ? 1.857   7.363   -7.611  1.00 13.65 ? 3  DT  A "C5'" 1 
ATOM   47  C  "C4'" . DT  A 1 3 ? 1.638   8.087   -6.305  1.00 12.32 ? 3  DT  A "C4'" 1 
ATOM   48  O  "O4'" . DT  A 1 3 ? 0.260   7.991   -5.863  1.00 11.77 ? 3  DT  A "O4'" 1 
ATOM   49  C  "C3'" . DT  A 1 3 ? 2.397   7.536   -5.111  1.00 12.96 ? 3  DT  A "C3'" 1 
ATOM   50  O  "O3'" . DT  A 1 3 ? 3.767   7.898   -5.150  1.00 15.90 ? 3  DT  A "O3'" 1 
ATOM   51  C  "C2'" . DT  A 1 3 ? 1.657   8.171   -3.948  1.00 12.87 ? 3  DT  A "C2'" 1 
ATOM   52  C  "C1'" . DT  A 1 3 ? 0.231   8.009   -4.431  1.00 11.94 ? 3  DT  A "C1'" 1 
ATOM   53  N  N1    . DT  A 1 3 ? -0.422  6.760   -3.974  1.00 10.77 ? 3  DT  A N1    1 
ATOM   54  C  C2    . DT  A 1 3 ? -0.959  6.757   -2.702  1.00 10.30 ? 3  DT  A C2    1 
ATOM   55  O  O2    . DT  A 1 3 ? -0.900  7.738   -1.985  1.00 12.89 ? 3  DT  A O2    1 
ATOM   56  N  N3    . DT  A 1 3 ? -1.552  5.577   -2.329  1.00 11.40 ? 3  DT  A N3    1 
ATOM   57  C  C4    . DT  A 1 3 ? -1.663  4.421   -3.074  1.00 10.83 ? 3  DT  A C4    1 
ATOM   58  O  O4    . DT  A 1 3 ? -2.218  3.424   -2.625  1.00 13.84 ? 3  DT  A O4    1 
ATOM   59  C  C5    . DT  A 1 3 ? -1.076  4.494   -4.396  1.00 8.86  ? 3  DT  A C5    1 
ATOM   60  C  C7    . DT  A 1 3 ? -1.151  3.285   -5.275  1.00 11.68 ? 3  DT  A C7    1 
ATOM   61  C  C6    . DT  A 1 3 ? -0.500  5.637   -4.765  1.00 10.95 ? 3  DT  A C6    1 
ATOM   62  P  P     . DA  A 1 4 ? 4.861   6.928   -4.478  1.00 16.30 ? 4  DA  A P     1 
ATOM   63  O  OP1   . DA  A 1 4 ? 6.183   7.543   -4.779  1.00 18.29 ? 4  DA  A OP1   1 
ATOM   64  O  OP2   . DA  A 1 4 ? 4.578   5.540   -4.891  1.00 15.45 ? 4  DA  A OP2   1 
ATOM   65  O  "O5'" . DA  A 1 4 ? 4.594   7.049   -2.910  1.00 12.92 ? 4  DA  A "O5'" 1 
ATOM   66  C  "C5'" . DA  A 1 4 ? 4.805   8.307   -2.257  1.00 11.65 ? 4  DA  A "C5'" 1 
ATOM   67  C  "C4'" . DA  A 1 4 ? 4.196   8.308   -0.885  1.00 11.47 ? 4  DA  A "C4'" 1 
ATOM   68  O  "O4'" . DA  A 1 4 ? 2.782   7.998   -0.964  1.00 12.27 ? 4  DA  A "O4'" 1 
ATOM   69  C  "C3'" . DA  A 1 4 ? 4.722   7.268   0.091   1.00 10.01 ? 4  DA  A "C3'" 1 
ATOM   70  O  "O3'" . DA  A 1 4 ? 5.979   7.671   0.612   1.00 11.64 ? 4  DA  A "O3'" 1 
ATOM   71  C  "C2'" . DA  A 1 4 ? 3.605   7.226   1.115   1.00 10.41 ? 4  DA  A "C2'" 1 
ATOM   72  C  "C1'" . DA  A 1 4 ? 2.379   7.331   0.231   1.00 12.53 ? 4  DA  A "C1'" 1 
ATOM   73  N  N9    . DA  A 1 4 ? 1.795   6.034   -0.164  1.00 10.69 ? 4  DA  A N9    1 
ATOM   74  C  C8    . DA  A 1 4 ? 1.950   5.364   -1.349  1.00 11.63 ? 4  DA  A C8    1 
ATOM   75  N  N7    . DA  A 1 4 ? 1.302   4.226   -1.406  1.00 10.66 ? 4  DA  A N7    1 
ATOM   76  C  C5    . DA  A 1 4 ? 0.675   4.145   -0.165  1.00 9.25  ? 4  DA  A C5    1 
ATOM   77  C  C6    . DA  A 1 4 ? -0.166  3.167   0.393   1.00 11.73 ? 4  DA  A C6    1 
ATOM   78  N  N6    . DA  A 1 4 ? -0.546  2.040   -0.224  1.00 11.93 ? 4  DA  A N6    1 
ATOM   79  N  N1    . DA  A 1 4 ? -0.611  3.403   1.647   1.00 10.04 ? 4  DA  A N1    1 
ATOM   80  C  C2    . DA  A 1 4 ? -0.238  4.526   2.273   1.00 11.29 ? 4  DA  A C2    1 
ATOM   81  N  N3    . DA  A 1 4 ? 0.548   5.524   1.858   1.00 11.78 ? 4  DA  A N3    1 
ATOM   82  C  C4    . DA  A 1 4 ? 0.972   5.254   0.608   1.00 9.35  ? 4  DA  A C4    1 
ATOM   83  P  P     . DT  A 1 5 ? 7.095   6.618   1.063   1.00 12.41 ? 5  DT  A P     1 
ATOM   84  O  OP1   . DT  A 1 5 ? 8.281   7.410   1.488   1.00 15.29 ? 5  DT  A OP1   1 
ATOM   85  O  OP2   . DT  A 1 5 ? 7.214   5.549   0.054   1.00 12.49 ? 5  DT  A OP2   1 
ATOM   86  O  "O5'" . DT  A 1 5 ? 6.466   5.951   2.382   1.00 11.76 ? 5  DT  A "O5'" 1 
ATOM   87  C  "C5'" . DT  A 1 5 ? 6.252   6.726   3.570   1.00 11.90 ? 5  DT  A "C5'" 1 
ATOM   88  C  "C4'" . DT  A 1 5 ? 5.398   5.947   4.539   1.00 12.16 ? 5  DT  A "C4'" 1 
ATOM   89  O  "O4'" . DT  A 1 5 ? 4.102   5.673   3.967   1.00 11.52 ? 5  DT  A "O4'" 1 
ATOM   90  C  "C3'" . DT  A 1 5 ? 5.890   4.550   4.904   1.00 11.09 ? 5  DT  A "C3'" 1 
ATOM   91  O  "O3'" . DT  A 1 5 ? 6.978   4.626   5.816   1.00 11.02 ? 5  DT  A "O3'" 1 
ATOM   92  C  "C2'" . DT  A 1 5 ? 4.618   3.943   5.456   1.00 9.67  ? 5  DT  A "C2'" 1 
ATOM   93  C  "C1'" . DT  A 1 5 ? 3.575   4.456   4.470   1.00 9.82  ? 5  DT  A "C1'" 1 
ATOM   94  N  N1    . DT  A 1 5 ? 3.328   3.515   3.357   1.00 7.47  ? 5  DT  A N1    1 
ATOM   95  C  C2    . DT  A 1 5 ? 2.381   2.538   3.531   1.00 10.30 ? 5  DT  A C2    1 
ATOM   96  O  O2    . DT  A 1 5 ? 1.734   2.413   4.561   1.00 12.99 ? 5  DT  A O2    1 
ATOM   97  N  N3    . DT  A 1 5 ? 2.196   1.691   2.465   1.00 9.31  ? 5  DT  A N3    1 
ATOM   98  C  C4    . DT  A 1 5 ? 2.868   1.734   1.254   1.00 11.29 ? 5  DT  A C4    1 
ATOM   99  O  O4    . DT  A 1 5 ? 2.605   0.914   0.375   1.00 11.92 ? 5  DT  A O4    1 
ATOM   100 C  C5    . DT  A 1 5 ? 3.851   2.785   1.136   1.00 8.72  ? 5  DT  A C5    1 
ATOM   101 C  C7    . DT  A 1 5 ? 4.619   2.898   -0.143  1.00 10.49 ? 5  DT  A C7    1 
ATOM   102 C  C6    . DT  A 1 5 ? 4.034   3.614   2.177   1.00 10.08 ? 5  DT  A C6    1 
ATOM   103 P  P     . DA  A 1 6 ? 8.001   3.396   5.969   1.00 13.39 ? 6  DA  A P     1 
ATOM   104 O  OP1   . DA  A 1 6 ? 9.105   3.847   6.859   1.00 15.30 ? 6  DA  A OP1   1 
ATOM   105 O  OP2   . DA  A 1 6 ? 8.336   2.887   4.614   1.00 16.35 ? 6  DA  A OP2   1 
ATOM   106 O  "O5'" . DA  A 1 6 ? 7.163   2.279   6.731   1.00 11.89 ? 6  DA  A "O5'" 1 
ATOM   107 C  "C5'" . DA  A 1 6 ? 6.685   2.475   8.065   1.00 15.88 ? 6  DA  A "C5'" 1 
ATOM   108 C  "C4'" . DA  A 1 6 ? 5.890   1.271   8.506   1.00 15.39 ? 6  DA  A "C4'" 1 
ATOM   109 O  "O4'" . DA  A 1 6 ? 4.649   1.206   7.755   1.00 13.22 ? 6  DA  A "O4'" 1 
ATOM   110 C  "C3'" . DA  A 1 6 ? 6.530   -0.087  8.268   1.00 13.62 ? 6  DA  A "C3'" 1 
ATOM   111 O  "O3'" . DA  A 1 6 ? 7.472   -0.394  9.286   1.00 18.78 ? 6  DA  A "O3'" 1 
ATOM   112 C  "C2'" . DA  A 1 6 ? 5.317   -0.995  8.260   1.00 12.59 ? 6  DA  A "C2'" 1 
ATOM   113 C  "C1'" . DA  A 1 6 ? 4.299   -0.142  7.519   1.00 12.78 ? 6  DA  A "C1'" 1 
ATOM   114 N  N9    . DA  A 1 6 ? 4.305   -0.388  6.063   1.00 10.86 ? 6  DA  A N9    1 
ATOM   115 C  C8    . DA  A 1 6 ? 5.022   0.255   5.091   1.00 9.17  ? 6  DA  A C8    1 
ATOM   116 N  N7    . DA  A 1 6 ? 4.798   -0.209  3.888   1.00 11.92 ? 6  DA  A N7    1 
ATOM   117 C  C5    . DA  A 1 6 ? 3.874   -1.227  4.083   1.00 9.32  ? 6  DA  A C5    1 
ATOM   118 C  C6    . DA  A 1 6 ? 3.231   -2.115  3.203   1.00 8.82  ? 6  DA  A C6    1 
ATOM   119 N  N6    . DA  A 1 6 ? 3.419   -2.134  1.878   1.00 10.01 ? 6  DA  A N6    1 
ATOM   120 N  N1    . DA  A 1 6 ? 2.365   -3.013  3.727   1.00 9.12  ? 6  DA  A N1    1 
ATOM   121 C  C2    . DA  A 1 6 ? 2.170   -3.002  5.052   1.00 9.84  ? 6  DA  A C2    1 
ATOM   122 N  N3    . DA  A 1 6 ? 2.710   -2.221  5.984   1.00 10.05 ? 6  DA  A N3    1 
ATOM   123 C  C4    . DA  A 1 6 ? 3.562   -1.348  5.424   1.00 7.72  ? 6  DA  A C4    1 
ATOM   124 P  P     . DC  A 1 7 ? 8.675   -1.423  9.060   1.00 19.13 ? 7  DC  A P     1 
ATOM   125 O  OP1   . DC  A 1 7 ? 9.425   -1.520  10.344  1.00 22.80 ? 7  DC  A OP1   1 
ATOM   126 O  OP2   . DC  A 1 7 ? 9.408   -1.049  7.830   1.00 26.82 ? 7  DC  A OP2   1 
ATOM   127 O  "O5'" . DC  A 1 7 ? 7.951   -2.822  8.811   1.00 13.51 ? 7  DC  A "O5'" 1 
ATOM   128 C  "C5'" . DC  A 1 7 ? 7.197   -3.464  9.847   1.00 15.64 ? 7  DC  A "C5'" 1 
ATOM   129 C  "C4'" . DC  A 1 7 ? 6.410   -4.610  9.264   1.00 10.26 ? 7  DC  A "C4'" 1 
ATOM   130 O  "O4'" . DC  A 1 7 ? 5.574   -4.121  8.191   1.00 11.00 ? 7  DC  A "O4'" 1 
ATOM   131 C  "C3'" . DC  A 1 7 ? 7.207   -5.712  8.590   1.00 12.09 ? 7  DC  A "C3'" 1 
ATOM   132 O  "O3'" . DC  A 1 7 ? 7.727   -6.624  9.550   1.00 14.78 ? 7  DC  A "O3'" 1 
ATOM   133 C  "C2'" . DC  A 1 7 ? 6.185   -6.338  7.666   1.00 10.33 ? 7  DC  A "C2'" 1 
ATOM   134 C  "C1'" . DC  A 1 7 ? 5.348   -5.149  7.243   1.00 9.20  ? 7  DC  A "C1'" 1 
ATOM   135 N  N1    . DC  A 1 7 ? 5.699   -4.611  5.903   1.00 9.91  ? 7  DC  A N1    1 
ATOM   136 C  C2    . DC  A 1 7 ? 5.112   -5.220  4.797   1.00 11.68 ? 7  DC  A C2    1 
ATOM   137 O  O2    . DC  A 1 7 ? 4.335   -6.168  4.947   1.00 11.52 ? 7  DC  A O2    1 
ATOM   138 N  N3    . DC  A 1 7 ? 5.411   -4.751  3.563   1.00 8.77  ? 7  DC  A N3    1 
ATOM   139 C  C4    . DC  A 1 7 ? 6.252   -3.728  3.430   1.00 9.01  ? 7  DC  A C4    1 
ATOM   140 N  N4    . DC  A 1 7 ? 6.492   -3.329  2.169   1.00 10.97 ? 7  DC  A N4    1 
ATOM   141 C  C5    . DC  A 1 7 ? 6.864   -3.087  4.540   1.00 10.26 ? 7  DC  A C5    1 
ATOM   142 C  C6    . DC  A 1 7 ? 6.559   -3.562  5.762   1.00 10.74 ? 7  DC  A C6    1 
ATOM   143 P  P     . DC  A 1 8 ? 9.129   -7.370  9.298   1.00 17.11 ? 8  DC  A P     1 
ATOM   144 O  OP1   . DC  A 1 8 ? 9.487   -8.060  10.568  1.00 24.00 ? 8  DC  A OP1   1 
ATOM   145 O  OP2   . DC  A 1 8 ? 10.080  -6.413  8.699   1.00 19.45 ? 8  DC  A OP2   1 
ATOM   146 O  "O5'" . DC  A 1 8 ? 8.784   -8.475  8.202   1.00 13.12 ? 8  DC  A "O5'" 1 
ATOM   147 C  "C5'" . DC  A 1 8 ? 7.962   -9.604  8.491   1.00 11.84 ? 8  DC  A "C5'" 1 
ATOM   148 C  "C4'" . DC  A 1 8 ? 7.711   -10.423 7.255   1.00 12.33 ? 8  DC  A "C4'" 1 
ATOM   149 O  "O4'" . DC  A 1 8 ? 6.902   -9.656  6.322   1.00 12.05 ? 8  DC  A "O4'" 1 
ATOM   150 C  "C3'" . DC  A 1 8 ? 8.922   -10.810 6.425   1.00 12.90 ? 8  DC  A "C3'" 1 
ATOM   151 O  "O3'" . DC  A 1 8 ? 9.597   -11.939 6.978   1.00 15.59 ? 8  DC  A "O3'" 1 
ATOM   152 C  "C2'" . DC  A 1 8 ? 8.297   -11.093 5.075   1.00 12.57 ? 8  DC  A "C2'" 1 
ATOM   153 C  "C1'" . DC  A 1 8 ? 7.161   -10.085 5.001   1.00 9.80  ? 8  DC  A "C1'" 1 
ATOM   154 N  N1    . DC  A 1 8 ? 7.508   -8.913  4.161   1.00 10.86 ? 8  DC  A N1    1 
ATOM   155 C  C2    . DC  A 1 8 ? 7.209   -9.000  2.796   1.00 12.21 ? 8  DC  A C2    1 
ATOM   156 O  O2    . DC  A 1 8 ? 6.678   -10.038 2.375   1.00 13.54 ? 8  DC  A O2    1 
ATOM   157 N  N3    . DC  A 1 8 ? 7.512   -7.952  2.000   1.00 9.94  ? 8  DC  A N3    1 
ATOM   158 C  C4    . DC  A 1 8 ? 8.086   -6.864  2.516   1.00 8.81  ? 8  DC  A C4    1 
ATOM   159 N  N4    . DC  A 1 8 ? 8.358   -5.868  1.672   1.00 11.41 ? 8  DC  A N4    1 
ATOM   160 C  C5    . DC  A 1 8 ? 8.402   -6.751  3.903   1.00 11.36 ? 8  DC  A C5    1 
ATOM   161 C  C6    . DC  A 1 8 ? 8.092   -7.802  4.679   1.00 10.07 ? 8  DC  A C6    1 
ATOM   162 O  "O5'" . DG  B 1 1 ? 5.894   -7.342  -8.464  1.00 13.23 ? 1  DG  B "O5'" 1 
ATOM   163 C  "C5'" . DG  B 1 1 ? 5.529   -8.655  -8.896  1.00 12.17 ? 1  DG  B "C5'" 1 
ATOM   164 C  "C4'" . DG  B 1 1 ? 5.409   -9.620  -7.751  1.00 13.72 ? 1  DG  B "C4'" 1 
ATOM   165 O  "O4'" . DG  B 1 1 ? 6.682   -9.761  -7.047  1.00 11.13 ? 1  DG  B "O4'" 1 
ATOM   166 C  "C3'" . DG  B 1 1 ? 4.440   -9.241  -6.638  1.00 11.93 ? 1  DG  B "C3'" 1 
ATOM   167 O  "O3'" . DG  B 1 1 ? 3.093   -9.419  -7.044  1.00 13.18 ? 1  DG  B "O3'" 1 
ATOM   168 C  "C2'" . DG  B 1 1 ? 4.907   -10.198 -5.553  1.00 12.11 ? 1  DG  B "C2'" 1 
ATOM   169 C  "C1'" . DG  B 1 1 ? 6.416   -10.033 -5.680  1.00 14.30 ? 1  DG  B "C1'" 1 
ATOM   170 N  N9    . DG  B 1 1 ? 6.893   -8.920  -4.834  1.00 9.93  ? 1  DG  B N9    1 
ATOM   171 C  C8    . DG  B 1 1 ? 7.422   -7.720  -5.237  1.00 11.98 ? 1  DG  B C8    1 
ATOM   172 N  N7    . DG  B 1 1 ? 7.747   -6.946  -4.237  1.00 13.78 ? 1  DG  B N7    1 
ATOM   173 C  C5    . DG  B 1 1 ? 7.408   -7.688  -3.110  1.00 8.79  ? 1  DG  B C5    1 
ATOM   174 C  C6    . DG  B 1 1 ? 7.533   -7.360  -1.734  1.00 10.55 ? 1  DG  B C6    1 
ATOM   175 O  O6    . DG  B 1 1 ? 7.984   -6.314  -1.248  1.00 11.15 ? 1  DG  B O6    1 
ATOM   176 N  N1    . DG  B 1 1 ? 7.066   -8.403  -0.933  1.00 10.84 ? 1  DG  B N1    1 
ATOM   177 C  C2    . DG  B 1 1 ? 6.552   -9.590  -1.380  1.00 9.15  ? 1  DG  B C2    1 
ATOM   178 N  N2    . DG  B 1 1 ? 6.146   -10.493 -0.464  1.00 10.58 ? 1  DG  B N2    1 
ATOM   179 N  N3    . DG  B 1 1 ? 6.431   -9.906  -2.661  1.00 10.98 ? 1  DG  B N3    1 
ATOM   180 C  C4    . DG  B 1 1 ? 6.879   -8.907  -3.460  1.00 11.14 ? 1  DG  B C4    1 
ATOM   181 P  P     . DG  B 1 2 ? 1.869   -8.490  -6.589  1.00 13.54 ? 2  DG  B P     1 
ATOM   182 O  OP1   . DG  B 1 2 ? 0.726   -8.827  -7.493  1.00 17.03 ? 2  DG  B OP1   1 
ATOM   183 O  OP2   . DG  B 1 2 ? 2.327   -7.098  -6.454  1.00 15.26 ? 2  DG  B OP2   1 
ATOM   184 O  "O5'" . DG  B 1 2 ? 1.502   -9.027  -5.130  1.00 11.71 ? 2  DG  B "O5'" 1 
ATOM   185 C  "C5'" . DG  B 1 2 ? 1.066   -10.381 -4.952  1.00 11.14 ? 2  DG  B "C5'" 1 
ATOM   186 C  "C4'" . DG  B 1 2 ? 1.148   -10.748 -3.491  1.00 14.88 ? 2  DG  B "C4'" 1 
ATOM   187 O  "O4'" . DG  B 1 2 ? 2.508   -10.559 -3.022  1.00 12.50 ? 2  DG  B "O4'" 1 
ATOM   188 C  "C3'" . DG  B 1 2 ? 0.322   -9.909  -2.532  1.00 13.77 ? 2  DG  B "C3'" 1 
ATOM   189 O  "O3'" . DG  B 1 2 ? -1.023  -10.363 -2.463  1.00 12.10 ? 2  DG  B "O3'" 1 
ATOM   190 C  "C2'" . DG  B 1 2 ? 1.067   -10.086 -1.228  1.00 10.64 ? 2  DG  B "C2'" 1 
ATOM   191 C  "C1'" . DG  B 1 2 ? 2.511   -10.103 -1.680  1.00 15.83 ? 2  DG  B "C1'" 1 
ATOM   192 N  N9    . DG  B 1 2 ? 3.152   -8.769  -1.630  1.00 13.24 ? 2  DG  B N9    1 
ATOM   193 C  C8    . DG  B 1 2 ? 3.523   -7.966  -2.682  1.00 9.93  ? 2  DG  B C8    1 
ATOM   194 N  N7    . DG  B 1 2 ? 4.065   -6.846  -2.296  1.00 9.82  ? 2  DG  B N7    1 
ATOM   195 C  C5    . DG  B 1 2 ? 4.053   -6.907  -0.905  1.00 9.83  ? 2  DG  B C5    1 
ATOM   196 C  C6    . DG  B 1 2 ? 4.510   -5.980  0.059   1.00 8.78  ? 2  DG  B C6    1 
ATOM   197 O  O6    . DG  B 1 2 ? 5.039   -4.872  -0.068  1.00 10.96 ? 2  DG  B O6    1 
ATOM   198 N  N1    . DG  B 1 2 ? 4.301   -6.450  1.358   1.00 9.13  ? 2  DG  B N1    1 
ATOM   199 C  C2    . DG  B 1 2 ? 3.728   -7.653  1.669   1.00 10.30 ? 2  DG  B C2    1 
ATOM   200 N  N2    . DG  B 1 2 ? 3.622   -7.907  2.985   1.00 11.70 ? 2  DG  B N2    1 
ATOM   201 N  N3    . DG  B 1 2 ? 3.296   -8.531  0.780   1.00 9.82  ? 2  DG  B N3    1 
ATOM   202 C  C4    . DG  B 1 2 ? 3.490   -8.093  -0.486  1.00 9.67  ? 2  DG  B C4    1 
ATOM   203 P  P     . DT  B 1 3 ? -2.233  -9.398  -2.063  1.00 12.68 ? 3  DT  B P     1 
ATOM   204 O  OP1   . DT  B 1 3 ? -3.484  -10.181 -2.287  1.00 16.12 ? 3  DT  B OP1   1 
ATOM   205 O  OP2   . DT  B 1 3 ? -2.082  -8.089  -2.747  1.00 12.91 ? 3  DT  B OP2   1 
ATOM   206 O  "O5'" . DT  B 1 3 ? -2.064  -9.144  -0.503  1.00 12.31 ? 3  DT  B "O5'" 1 
ATOM   207 C  "C5'" . DT  B 1 3 ? -2.247  -10.210 0.439   1.00 14.74 ? 3  DT  B "C5'" 1 
ATOM   208 C  "C4'" . DT  B 1 3 ? -1.990  -9.712  1.837   1.00 12.11 ? 3  DT  B "C4'" 1 
ATOM   209 O  "O4'" . DT  B 1 3 ? -0.589  -9.364  1.997   1.00 14.38 ? 3  DT  B "O4'" 1 
ATOM   210 C  "C3'" . DT  B 1 3 ? -2.699  -8.435  2.248   1.00 14.02 ? 3  DT  B "C3'" 1 
ATOM   211 O  "O3'" . DT  B 1 3 ? -4.050  -8.675  2.600   1.00 14.35 ? 3  DT  B "O3'" 1 
ATOM   212 C  "C2'" . DT  B 1 3 ? -1.859  -7.980  3.426   1.00 11.86 ? 3  DT  B "C2'" 1 
ATOM   213 C  "C1'" . DT  B 1 3 ? -0.471  -8.265  2.898   1.00 11.78 ? 3  DT  B "C1'" 1 
ATOM   214 N  N1    . DT  B 1 3 ? 0.137   -7.133  2.161   1.00 10.73 ? 3  DT  B N1    1 
ATOM   215 C  C2    . DT  B 1 3 ? 0.750   -6.156  2.911   1.00 13.30 ? 3  DT  B C2    1 
ATOM   216 O  O2    . DT  B 1 3 ? 0.795   -6.213  4.131   1.00 14.34 ? 3  DT  B O2    1 
ATOM   217 N  N3    . DT  B 1 3 ? 1.298   -5.133  2.187   1.00 9.68  ? 3  DT  B N3    1 
ATOM   218 C  C4    . DT  B 1 3 ? 1.297   -4.983  0.811   1.00 10.55 ? 3  DT  B C4    1 
ATOM   219 O  O4    . DT  B 1 3 ? 1.838   -3.993  0.316   1.00 11.10 ? 3  DT  B O4    1 
ATOM   220 C  C5    . DT  B 1 3 ? 0.634   -6.045  0.092   1.00 9.02  ? 3  DT  B C5    1 
ATOM   221 C  C7    . DT  B 1 3 ? 0.576   -5.981  -1.403  1.00 15.23 ? 3  DT  B C7    1 
ATOM   222 C  C6    . DT  B 1 3 ? 0.092   -7.058  0.787   1.00 10.97 ? 3  DT  B C6    1 
ATOM   223 P  P     . DA  B 1 4 ? -5.169  -7.551  2.405   1.00 15.32 ? 4  DA  B P     1 
ATOM   224 O  OP1   . DA  B 1 4 ? -6.464  -8.159  2.852   1.00 18.80 ? 4  DA  B OP1   1 
ATOM   225 O  OP2   . DA  B 1 4 ? -5.060  -6.984  1.035   1.00 16.67 ? 4  DA  B OP2   1 
ATOM   226 O  "O5'" . DA  B 1 4 ? -4.792  -6.394  3.427   1.00 14.01 ? 4  DA  B "O5'" 1 
ATOM   227 C  "C5'" . DA  B 1 4 ? -4.827  -6.654  4.838   1.00 13.30 ? 4  DA  B "C5'" 1 
ATOM   228 C  "C4'" . DA  B 1 4 ? -4.154  -5.535  5.582   1.00 10.56 ? 4  DA  B "C4'" 1 
ATOM   229 O  "O4'" . DA  B 1 4 ? -2.784  -5.390  5.129   1.00 11.19 ? 4  DA  B "O4'" 1 
ATOM   230 C  "C3'" . DA  B 1 4 ? -4.736  -4.144  5.383   1.00 12.75 ? 4  DA  B "C3'" 1 
ATOM   231 O  "O3'" . DA  B 1 4 ? -5.886  -3.949  6.192   1.00 12.84 ? 4  DA  B "O3'" 1 
ATOM   232 C  "C2'" . DA  B 1 4 ? -3.588  -3.252  5.788   1.00 13.45 ? 4  DA  B "C2'" 1 
ATOM   233 C  "C1'" . DA  B 1 4 ? -2.391  -4.033  5.288   1.00 11.90 ? 4  DA  B "C1'" 1 
ATOM   234 N  N9    . DA  B 1 4 ? -1.890  -3.558  3.973   1.00 8.66  ? 4  DA  B N9    1 
ATOM   235 C  C8    . DA  B 1 4 ? -2.102  -4.136  2.750   1.00 9.70  ? 4  DA  B C8    1 
ATOM   236 N  N7    . DA  B 1 4 ? -1.521  -3.470  1.771   1.00 10.07 ? 4  DA  B N7    1 
ATOM   237 C  C5    . DA  B 1 4 ? -0.904  -2.401  2.408   1.00 9.76  ? 4  DA  B C5    1 
ATOM   238 C  C6    . DA  B 1 4 ? -0.123  -1.320  1.949   1.00 11.27 ? 4  DA  B C6    1 
ATOM   239 N  N6    . DA  B 1 4 ? 0.181   -1.136  0.663   1.00 10.49 ? 4  DA  B N6    1 
ATOM   240 N  N1    . DA  B 1 4 ? 0.340   -0.427  2.852   1.00 9.81  ? 4  DA  B N1    1 
ATOM   241 C  C2    . DA  B 1 4 ? 0.039   -0.608  4.142   1.00 11.55 ? 4  DA  B C2    1 
ATOM   242 N  N3    . DA  B 1 4 ? -0.685  -1.580  4.701   1.00 10.01 ? 4  DA  B N3    1 
ATOM   243 C  C4    . DA  B 1 4 ? -1.127  -2.447  3.776   1.00 9.72  ? 4  DA  B C4    1 
ATOM   244 P  P     . DT  B 1 5 ? -7.037  -2.899  5.830   1.00 14.18 ? 5  DT  B P     1 
ATOM   245 O  OP1   . DT  B 1 5 ? -8.167  -3.176  6.762   1.00 17.04 ? 5  DT  B OP1   1 
ATOM   246 O  OP2   . DT  B 1 5 ? -7.258  -2.892  4.367   1.00 15.39 ? 5  DT  B OP2   1 
ATOM   247 O  "O5'" . DT  B 1 5 ? -6.401  -1.492  6.221   1.00 14.23 ? 5  DT  B "O5'" 1 
ATOM   248 C  "C5'" . DT  B 1 5 ? -6.176  -1.114  7.580   1.00 15.65 ? 5  DT  B "C5'" 1 
ATOM   249 C  "C4'" . DT  B 1 5 ? -5.440  0.194   7.639   1.00 14.97 ? 5  DT  B "C4'" 1 
ATOM   250 O  "O4'" . DT  B 1 5 ? -4.124  0.054   7.035   1.00 13.38 ? 5  DT  B "O4'" 1 
ATOM   251 C  "C3'" . DT  B 1 5 ? -6.057  1.354   6.871   1.00 12.80 ? 5  DT  B "C3'" 1 
ATOM   252 O  "O3'" . DT  B 1 5 ? -7.155  1.916   7.579   1.00 17.83 ? 5  DT  B "O3'" 1 
ATOM   253 C  "C2'" . DT  B 1 5 ? -4.868  2.282   6.744   1.00 13.86 ? 5  DT  B "C2'" 1 
ATOM   254 C  "C1'" . DT  B 1 5 ? -3.744  1.306   6.476   1.00 14.67 ? 5  DT  B "C1'" 1 
ATOM   255 N  N1    . DT  B 1 5 ? -3.479  1.097   5.031   1.00 12.34 ? 5  DT  B N1    1 
ATOM   256 C  C2    . DT  B 1 5 ? -2.602  1.963   4.415   1.00 10.79 ? 5  DT  B C2    1 
ATOM   257 O  O2    . DT  B 1 5 ? -2.044  2.873   5.001   1.00 12.74 ? 5  DT  B O2    1 
ATOM   258 N  N3    . DT  B 1 5 ? -2.416  1.698   3.078   1.00 10.35 ? 5  DT  B N3    1 
ATOM   259 C  C4    . DT  B 1 5 ? -2.998  0.697   2.332   1.00 10.90 ? 5  DT  B C4    1 
ATOM   260 O  O4    . DT  B 1 5 ? -2.731  0.587   1.140   1.00 14.03 ? 5  DT  B O4    1 
ATOM   261 C  C5    . DT  B 1 5 ? -3.908  -0.167  3.051   1.00 10.84 ? 5  DT  B C5    1 
ATOM   262 C  C7    . DT  B 1 5 ? -4.587  -1.282  2.319   1.00 13.54 ? 5  DT  B C7    1 
ATOM   263 C  C6    . DT  B 1 5 ? -4.096  0.078   4.349   1.00 11.31 ? 5  DT  B C6    1 
ATOM   264 P  P     . DA  B 1 6 ? -8.311  2.722   6.803   1.00 17.16 ? 6  DA  B P     1 
ATOM   265 O  OP1   . DA  B 1 6 ? -9.347  3.065   7.815   1.00 20.27 ? 6  DA  B OP1   1 
ATOM   266 O  OP2   . DA  B 1 6 ? -8.682  1.947   5.596   1.00 17.37 ? 6  DA  B OP2   1 
ATOM   267 O  "O5'" . DA  B 1 6 ? -7.584  4.063   6.349   1.00 14.82 ? 6  DA  B "O5'" 1 
ATOM   268 C  "C5'" . DA  B 1 6 ? -7.150  5.012   7.331   1.00 12.24 ? 6  DA  B "C5'" 1 
ATOM   269 C  "C4'" . DA  B 1 6 ? -6.363  6.117   6.677   1.00 13.33 ? 6  DA  B "C4'" 1 
ATOM   270 O  "O4'" . DA  B 1 6 ? -5.167  5.539   6.087   1.00 14.56 ? 6  DA  B "O4'" 1 
ATOM   271 C  "C3'" . DA  B 1 6 ? -7.003  6.855   5.519   1.00 11.77 ? 6  DA  B "C3'" 1 
ATOM   272 O  "O3'" . DA  B 1 6 ? -7.836  7.914   5.956   1.00 12.98 ? 6  DA  B "O3'" 1 
ATOM   273 C  "C2'" . DA  B 1 6 ? -5.800  7.392   4.769   1.00 18.39 ? 6  DA  B "C2'" 1 
ATOM   274 C  "C1'" . DA  B 1 6 ? -4.807  6.266   4.920   1.00 16.74 ? 6  DA  B "C1'" 1 
ATOM   275 N  N9    . DA  B 1 6 ? -4.807  5.330   3.772   1.00 11.05 ? 6  DA  B N9    1 
ATOM   276 C  C8    . DA  B 1 6 ? -5.482  4.159   3.598   1.00 11.72 ? 6  DA  B C8    1 
ATOM   277 N  N7    . DA  B 1 6 ? -5.250  3.575   2.448   1.00 10.46 ? 6  DA  B N7    1 
ATOM   278 C  C5    . DA  B 1 6 ? -4.352  4.436   1.829   1.00 10.62 ? 6  DA  B C5    1 
ATOM   279 C  C6    . DA  B 1 6 ? -3.702  4.402   0.579   1.00 9.03  ? 6  DA  B C6    1 
ATOM   280 N  N6    . DA  B 1 6 ? -3.869  3.423   -0.310  1.00 13.07 ? 6  DA  B N6    1 
ATOM   281 N  N1    . DA  B 1 6 ? -2.877  5.425   0.291   1.00 10.11 ? 6  DA  B N1    1 
ATOM   282 C  C2    . DA  B 1 6 ? -2.694  6.419   1.167   1.00 11.81 ? 6  DA  B C2    1 
ATOM   283 N  N3    . DA  B 1 6 ? -3.248  6.560   2.374   1.00 11.97 ? 6  DA  B N3    1 
ATOM   284 C  C4    . DA  B 1 6 ? -4.066  5.523   2.630   1.00 11.40 ? 6  DA  B C4    1 
ATOM   285 P  P     . DC  B 1 7 ? -8.986  8.521   5.020   1.00 13.73 ? 7  DC  B P     1 
ATOM   286 O  OP1   . DC  B 1 7 ? -9.637  9.591   5.834   1.00 15.49 ? 7  DC  B OP1   1 
ATOM   287 O  OP2   . DC  B 1 7 ? -9.751  7.409   4.440   1.00 18.29 ? 7  DC  B OP2   1 
ATOM   288 O  "O5'" . DC  B 1 7 ? -8.207  9.268   3.834   1.00 10.78 ? 7  DC  B "O5'" 1 
ATOM   289 C  "C5'" . DC  B 1 7 ? -7.402  10.417  4.121   1.00 9.87  ? 7  DC  B "C5'" 1 
ATOM   290 C  "C4'" . DC  B 1 7 ? -6.532  10.733  2.924   1.00 10.93 ? 7  DC  B "C4'" 1 
ATOM   291 O  "O4'" . DC  B 1 7 ? -5.685  9.599   2.615   1.00 11.60 ? 7  DC  B "O4'" 1 
ATOM   292 C  "C3'" . DC  B 1 7 ? -7.240  10.991  1.605   1.00 11.92 ? 7  DC  B "C3'" 1 
ATOM   293 O  "O3'" . DC  B 1 7 ? -7.765  12.308  1.571   1.00 12.51 ? 7  DC  B "O3'" 1 
ATOM   294 C  "C2'" . DC  B 1 7 ? -6.128  10.754  0.602   1.00 10.97 ? 7  DC  B "C2'" 1 
ATOM   295 C  "C1'" . DC  B 1 7 ? -5.404  9.570   1.220   1.00 8.41  ? 7  DC  B "C1'" 1 
ATOM   296 N  N1    . DC  B 1 7 ? -5.843  8.266   0.676   1.00 9.10  ? 7  DC  B N1    1 
ATOM   297 C  C2    . DC  B 1 7 ? -5.267  7.828   -0.518  1.00 9.22  ? 7  DC  B C2    1 
ATOM   298 O  O2    . DC  B 1 7 ? -4.416  8.551   -1.061  1.00 10.71 ? 7  DC  B O2    1 
ATOM   299 N  N3    . DC  B 1 7 ? -5.661  6.642   -1.021  1.00 9.52  ? 7  DC  B N3    1 
ATOM   300 C  C4    . DC  B 1 7 ? -6.577  5.895   -0.407  1.00 8.73  ? 7  DC  B C4    1 
ATOM   301 N  N4    . DC  B 1 7 ? -6.920  4.727   -0.965  1.00 10.95 ? 7  DC  B N4    1 
ATOM   302 C  C5    . DC  B 1 7 ? -7.174  6.328   0.810   1.00 10.19 ? 7  DC  B C5    1 
ATOM   303 C  C6    . DC  B 1 7 ? -6.782  7.507   1.309   1.00 12.10 ? 7  DC  B C6    1 
ATOM   304 P  P     . DC  B 1 8 ? -8.775  12.758  0.396   1.00 14.35 ? 8  DC  B P     1 
ATOM   305 O  OP1   . DC  B 1 8 ? -9.201  14.144  0.716   1.00 15.89 ? 8  DC  B OP1   1 
ATOM   306 O  OP2   . DC  B 1 8 ? -9.743  11.697  0.143   1.00 14.83 ? 8  DC  B OP2   1 
ATOM   307 O  "O5'" . DC  B 1 8 ? -7.727  12.847  -0.816  1.00 15.51 ? 8  DC  B "O5'" 1 
ATOM   308 C  "C5'" . DC  B 1 8 ? -8.125  13.289  -2.113  1.00 13.79 ? 8  DC  B "C5'" 1 
ATOM   309 C  "C4'" . DC  B 1 8 ? -6.975  13.121  -3.076  1.00 10.53 ? 8  DC  B "C4'" 1 
ATOM   310 O  "O4'" . DC  B 1 8 ? -6.449  11.767  -3.011  1.00 11.48 ? 8  DC  B "O4'" 1 
ATOM   311 C  "C3'" . DC  B 1 8 ? -7.356  13.342  -4.528  1.00 13.00 ? 8  DC  B "C3'" 1 
ATOM   312 O  "O3'" . DC  B 1 8 ? -6.281  13.915  -5.265  1.00 14.71 ? 8  DC  B "O3'" 1 
ATOM   313 C  "C2'" . DC  B 1 8 ? -7.701  11.946  -4.988  1.00 12.01 ? 8  DC  B "C2'" 1 
ATOM   314 C  "C1'" . DC  B 1 8 ? -6.703  11.093  -4.225  1.00 9.96  ? 8  DC  B "C1'" 1 
ATOM   315 N  N1    . DC  B 1 8 ? -7.238  9.746   -3.942  1.00 11.37 ? 8  DC  B N1    1 
ATOM   316 C  C2    . DC  B 1 8 ? -7.113  8.772   -4.932  1.00 11.45 ? 8  DC  B C2    1 
ATOM   317 O  O2    . DC  B 1 8 ? -6.553  9.098   -5.990  1.00 11.07 ? 8  DC  B O2    1 
ATOM   318 N  N3    . DC  B 1 8 ? -7.592  7.529   -4.712  1.00 9.84  ? 8  DC  B N3    1 
ATOM   319 C  C4    . DC  B 1 8 ? -8.183  7.253   -3.545  1.00 10.07 ? 8  DC  B C4    1 
ATOM   320 N  N4    . DC  B 1 8 ? -8.635  6.010   -3.390  1.00 11.27 ? 8  DC  B N4    1 
ATOM   321 C  C5    . DC  B 1 8 ? -8.330  8.229   -2.515  1.00 11.63 ? 8  DC  B C5    1 
ATOM   322 C  C6    . DC  B 1 8 ? -7.847  9.459   -2.753  1.00 13.53 ? 8  DC  B C6    1 
HETATM 323 NA NA    . NA  C 2 . ? -2.841  -1.170  -8.660  1.00 30.57 ? 20 NA  A NA    1 
HETATM 324 O  O     . HOH D 3 . ? -3.896  -2.294  -10.030 1.00 20.85 ? 21 HOH A O     1 
HETATM 325 O  O     . HOH D 3 . ? -4.590  -0.233  -8.082  1.00 28.42 ? 22 HOH A O     1 
HETATM 326 O  O     . HOH D 3 . ? -1.753  0.144   -7.492  1.00 36.46 ? 23 HOH A O     1 
HETATM 327 O  O     . HOH D 3 . ? -1.073  -1.922  -9.430  1.00 28.81 ? 24 HOH A O     1 
HETATM 328 O  O     . HOH D 3 . ? -2.965  -2.593  -7.187  1.00 43.49 ? 25 HOH A O     1 
HETATM 329 O  O     . HOH D 3 . ? 0.797   6.773   4.429   1.00 17.34 ? 26 HOH A O     1 
HETATM 330 O  O     . HOH D 3 . ? 8.174   10.030  2.556   1.00 19.31 ? 27 HOH A O     1 
HETATM 331 O  O     . HOH D 3 . ? 1.935   2.350   -3.346  1.00 17.42 ? 28 HOH A O     1 
HETATM 332 O  O     . HOH D 3 . ? 5.904   -0.929  -0.451  1.00 29.51 ? 29 HOH A O     1 
HETATM 333 O  O     . HOH D 3 . ? -5.088  0.873   -5.689  1.00 22.39 ? 30 HOH A O     1 
HETATM 334 O  O     . HOH D 3 . ? 10.558  -11.956 9.588   1.00 18.06 ? 31 HOH A O     1 
HETATM 335 O  O     . HOH D 3 . ? 6.395   0.277   1.571   1.00 19.82 ? 32 HOH A O     1 
HETATM 336 O  O     . HOH D 3 . ? -3.001  0.961   -3.514  1.00 23.28 ? 33 HOH A O     1 
HETATM 337 O  O     . HOH D 3 . ? 1.236   1.684   7.193   1.00 18.28 ? 34 HOH A O     1 
HETATM 338 O  O     . HOH D 3 . ? 8.610   -1.269  2.190   1.00 29.95 ? 35 HOH A O     1 
HETATM 339 O  O     . HOH D 3 . ? 3.545   -0.482  -1.866  1.00 35.74 ? 36 HOH A O     1 
HETATM 340 O  O     . HOH D 3 . ? 8.998   -0.114  4.857   1.00 20.89 ? 37 HOH A O     1 
HETATM 341 O  O     . HOH D 3 . ? 10.648  -3.652  5.538   1.00 38.76 ? 38 HOH A O     1 
HETATM 342 O  O     . HOH D 3 . ? -7.275  2.115   -3.422  1.00 32.16 ? 39 HOH A O     1 
HETATM 343 O  O     . HOH D 3 . ? -2.349  9.443   -6.883  1.00 13.48 ? 40 HOH A O     1 
HETATM 344 O  O     . HOH D 3 . ? 9.828   -14.350 5.549   1.00 26.49 ? 41 HOH A O     1 
HETATM 345 O  O     . HOH D 3 . ? 4.849   -12.410 3.476   1.00 24.26 ? 42 HOH A O     1 
HETATM 346 O  O     . HOH D 3 . ? 10.784  -6.273  6.516   1.00 29.04 ? 43 HOH A O     1 
HETATM 347 O  O     . HOH D 3 . ? 10.845  1.963   7.929   1.00 38.08 ? 44 HOH A O     1 
HETATM 348 O  O     . HOH D 3 . ? 2.771   3.666   -5.719  1.00 21.78 ? 45 HOH A O     1 
HETATM 349 O  O     . HOH D 3 . ? 0.061   0.374   -2.852  1.00 22.62 ? 46 HOH A O     1 
HETATM 350 O  O     . HOH D 3 . ? 6.930   4.251   -2.534  1.00 46.09 ? 47 HOH A O     1 
HETATM 351 O  O     . HOH D 3 . ? 4.478   6.966   -10.395 1.00 26.56 ? 48 HOH A O     1 
HETATM 352 O  O     . HOH D 3 . ? 0.243   1.224   -8.055  1.00 29.74 ? 49 HOH A O     1 
HETATM 353 O  O     . HOH D 3 . ? 5.348   5.397   -7.898  1.00 44.14 ? 50 HOH A O     1 
HETATM 354 O  O     . HOH D 3 . ? 7.542   2.802   1.708   1.00 30.12 ? 51 HOH A O     1 
HETATM 355 O  O     . HOH D 3 . ? 10.958  -4.069  9.946   1.00 40.86 ? 52 HOH A O     1 
HETATM 356 O  O     . HOH D 3 . ? 10.388  6.768   2.517   1.00 37.65 ? 53 HOH A O     1 
HETATM 357 O  O     . HOH E 3 . ? -2.300  -3.423  -0.882  1.00 19.15 ? 9  HOH B O     1 
HETATM 358 O  O     . HOH E 3 . ? 5.451   -13.191 -0.762  1.00 14.95 ? 10 HOH B O     1 
HETATM 359 O  O     . HOH E 3 . ? 2.306   -3.002  -2.006  1.00 26.75 ? 11 HOH B O     1 
HETATM 360 O  O     . HOH E 3 . ? -6.878  1.422   1.635   1.00 17.58 ? 12 HOH B O     1 
HETATM 361 O  O     . HOH E 3 . ? -0.553  -0.320  7.314   1.00 20.09 ? 13 HOH B O     1 
HETATM 362 O  O     . HOH E 3 . ? -4.744  10.396  -7.573  1.00 15.23 ? 14 HOH B O     1 
HETATM 363 O  O     . HOH E 3 . ? 0.224   -13.681 -0.697  1.00 27.91 ? 15 HOH B O     1 
HETATM 364 O  O     . HOH E 3 . ? -3.142  -12.399 -3.740  1.00 33.03 ? 16 HOH B O     1 
HETATM 365 O  O     . HOH E 3 . ? -8.654  -5.885  7.612   1.00 27.18 ? 17 HOH B O     1 
HETATM 366 O  O     . HOH E 3 . ? 5.482   -3.404  -2.058  1.00 30.27 ? 18 HOH B O     1 
HETATM 367 O  O     . HOH E 3 . ? -10.324 9.028   0.067   1.00 29.94 ? 19 HOH B O     1 
HETATM 368 O  O     . HOH E 3 . ? -3.612  -0.502  -1.205  1.00 23.77 ? 20 HOH B O     1 
HETATM 369 O  O     . HOH E 3 . ? -3.421  -6.109  -1.059  1.00 21.12 ? 21 HOH B O     1 
HETATM 370 O  O     . HOH E 3 . ? -10.633 2.931   3.514   1.00 70.97 ? 22 HOH B O     1 
HETATM 371 O  O     . HOH E 3 . ? 2.745   -11.219 1.740   1.00 15.87 ? 23 HOH B O     1 
HETATM 372 O  O     . HOH E 3 . ? -10.770 5.678   -1.287  1.00 29.83 ? 24 HOH B O     1 
HETATM 373 O  O     . HOH E 3 . ? 2.404   -13.445 -0.010  1.00 17.37 ? 25 HOH B O     1 
HETATM 374 O  O     . HOH E 3 . ? -4.456  -11.426 -8.750  1.00 30.61 ? 26 HOH B O     1 
HETATM 375 O  O     . HOH E 3 . ? 8.578   -7.326  -8.490  1.00 14.40 ? 27 HOH B O     1 
HETATM 376 O  O     . HOH E 3 . ? 1.210   -5.521  -4.907  1.00 35.44 ? 28 HOH B O     1 
HETATM 377 O  O     . HOH E 3 . ? -0.847  5.054   5.892   1.00 27.51 ? 29 HOH B O     1 
HETATM 378 O  O     . HOH E 3 . ? -10.335 -1.503  7.580   1.00 46.43 ? 30 HOH B O     1 
HETATM 379 O  O     . HOH E 3 . ? -7.883  -0.162  3.624   1.00 27.35 ? 31 HOH B O     1 
HETATM 380 O  O     . HOH E 3 . ? 9.659   -4.825  -7.960  1.00 14.65 ? 32 HOH B O     1 
HETATM 381 O  O     . HOH E 3 . ? -9.004  2.970   0.660   1.00 28.85 ? 33 HOH B O     1 
HETATM 382 O  O     . HOH E 3 . ? 1.365   -8.406  -10.179 1.00 16.37 ? 34 HOH B O     1 
HETATM 383 O  O     . HOH E 3 . ? -12.527 9.745   6.356   1.00 29.19 ? 35 HOH B O     1 
HETATM 384 O  O     . HOH E 3 . ? -0.314  -2.234  -2.223  1.00 25.34 ? 36 HOH B O     1 
HETATM 385 O  O     . HOH E 3 . ? -1.708  -8.075  -7.060  1.00 29.39 ? 37 HOH B O     1 
HETATM 386 O  O     . HOH E 3 . ? 4.346   -5.551  -7.944  1.00 48.55 ? 38 HOH B O     1 
HETATM 387 O  O     . HOH E 3 . ? -6.926  -9.612  5.114   1.00 29.92 ? 39 HOH B O     1 
HETATM 388 O  O     . HOH E 3 . ? 9.324   -4.635  -5.026  1.00 21.14 ? 40 HOH B O     1 
HETATM 389 O  O     . HOH E 3 . ? 8.701   -3.786  -3.050  1.00 90.92 ? 41 HOH B O     1 
HETATM 390 O  O     . HOH E 3 . ? -4.941  -4.429  0.413   1.00 31.74 ? 42 HOH B O     1 
HETATM 391 O  O     . HOH E 3 . ? -3.162  -9.849  -6.897  1.00 24.09 ? 43 HOH B O     1 
HETATM 392 O  O     . HOH E 3 . ? -9.779  -10.329 5.091   1.00 56.91 ? 44 HOH B O     1 
HETATM 393 O  O     . HOH E 3 . ? -1.547  -6.238  -4.648  1.00 29.94 ? 45 HOH B O     1 
# 
loop_
_pdbx_poly_seq_scheme.asym_id 
_pdbx_poly_seq_scheme.entity_id 
_pdbx_poly_seq_scheme.seq_id 
_pdbx_poly_seq_scheme.mon_id 
_pdbx_poly_seq_scheme.ndb_seq_num 
_pdbx_poly_seq_scheme.pdb_seq_num 
_pdbx_poly_seq_scheme.auth_seq_num 
_pdbx_poly_seq_scheme.pdb_mon_id 
_pdbx_poly_seq_scheme.auth_mon_id 
_pdbx_poly_seq_scheme.pdb_strand_id 
_pdbx_poly_seq_scheme.pdb_ins_code 
_pdbx_poly_seq_scheme.hetero 
A 1 1 DG 1 1 1 DG G A . n 
A 1 2 DG 2 2 2 DG G A . n 
A 1 3 DT 3 3 3 DT T A . n 
A 1 4 DA 4 4 4 DA A A . n 
A 1 5 DT 5 5 5 DT T A . n 
A 1 6 DA 6 6 6 DA A A . n 
A 1 7 DC 7 7 7 DC C A . n 
A 1 8 DC 8 8 8 DC C A . n 
B 1 1 DG 1 1 1 DG G B . n 
B 1 2 DG 2 2 2 DG G B . n 
B 1 3 DT 3 3 3 DT T B . n 
B 1 4 DA 4 4 4 DA A B . n 
B 1 5 DT 5 5 5 DT T B . n 
B 1 6 DA 6 6 6 DA A B . n 
B 1 7 DC 7 7 7 DC C B . n 
B 1 8 DC 8 8 8 DC C B . n 
# 
loop_
_pdbx_nonpoly_scheme.asym_id 
_pdbx_nonpoly_scheme.entity_id 
_pdbx_nonpoly_scheme.mon_id 
_pdbx_nonpoly_scheme.ndb_seq_num 
_pdbx_nonpoly_scheme.pdb_seq_num 
_pdbx_nonpoly_scheme.auth_seq_num 
_pdbx_nonpoly_scheme.pdb_mon_id 
_pdbx_nonpoly_scheme.auth_mon_id 
_pdbx_nonpoly_scheme.pdb_strand_id 
_pdbx_nonpoly_scheme.pdb_ins_code 
C 2 NA  1  20 20  NA  NA  A . 
D 3 HOH 1  21 96  HOH HOH A . 
D 3 HOH 2  22 97  HOH HOH A . 
D 3 HOH 3  23 98  HOH HOH A . 
D 3 HOH 4  24 99  HOH HOH A . 
D 3 HOH 5  25 100 HOH HOH A . 
D 3 HOH 6  26 102 HOH HOH A . 
D 3 HOH 7  27 103 HOH HOH A . 
D 3 HOH 8  28 104 HOH HOH A . 
D 3 HOH 9  29 107 HOH HOH A . 
D 3 HOH 10 30 111 HOH HOH A . 
D 3 HOH 11 31 112 HOH HOH A . 
D 3 HOH 12 32 113 HOH HOH A . 
D 3 HOH 13 33 115 HOH HOH A . 
D 3 HOH 14 34 116 HOH HOH A . 
D 3 HOH 15 35 118 HOH HOH A . 
D 3 HOH 16 36 120 HOH HOH A . 
D 3 HOH 17 37 122 HOH HOH A . 
D 3 HOH 18 38 128 HOH HOH A . 
D 3 HOH 19 39 129 HOH HOH A . 
D 3 HOH 20 40 131 HOH HOH A . 
D 3 HOH 21 41 137 HOH HOH A . 
D 3 HOH 22 42 142 HOH HOH A . 
D 3 HOH 23 43 143 HOH HOH A . 
D 3 HOH 24 44 146 HOH HOH A . 
D 3 HOH 25 45 147 HOH HOH A . 
D 3 HOH 26 46 148 HOH HOH A . 
D 3 HOH 27 47 149 HOH HOH A . 
D 3 HOH 28 48 150 HOH HOH A . 
D 3 HOH 29 49 152 HOH HOH A . 
D 3 HOH 30 50 153 HOH HOH A . 
D 3 HOH 31 51 154 HOH HOH A . 
D 3 HOH 32 52 155 HOH HOH A . 
D 3 HOH 33 53 158 HOH HOH A . 
E 3 HOH 1  9  101 HOH HOH B . 
E 3 HOH 2  10 105 HOH HOH B . 
E 3 HOH 3  11 106 HOH HOH B . 
E 3 HOH 4  12 108 HOH HOH B . 
E 3 HOH 5  13 109 HOH HOH B . 
E 3 HOH 6  14 110 HOH HOH B . 
E 3 HOH 7  15 114 HOH HOH B . 
E 3 HOH 8  16 117 HOH HOH B . 
E 3 HOH 9  17 119 HOH HOH B . 
E 3 HOH 10 18 121 HOH HOH B . 
E 3 HOH 11 19 123 HOH HOH B . 
E 3 HOH 12 20 124 HOH HOH B . 
E 3 HOH 13 21 125 HOH HOH B . 
E 3 HOH 14 22 126 HOH HOH B . 
E 3 HOH 15 23 127 HOH HOH B . 
E 3 HOH 16 24 130 HOH HOH B . 
E 3 HOH 17 25 132 HOH HOH B . 
E 3 HOH 18 26 133 HOH HOH B . 
E 3 HOH 19 27 134 HOH HOH B . 
E 3 HOH 20 28 135 HOH HOH B . 
E 3 HOH 21 29 136 HOH HOH B . 
E 3 HOH 22 30 138 HOH HOH B . 
E 3 HOH 23 31 139 HOH HOH B . 
E 3 HOH 24 32 140 HOH HOH B . 
E 3 HOH 25 33 141 HOH HOH B . 
E 3 HOH 26 34 144 HOH HOH B . 
E 3 HOH 27 35 145 HOH HOH B . 
E 3 HOH 28 36 151 HOH HOH B . 
E 3 HOH 29 37 156 HOH HOH B . 
E 3 HOH 30 38 157 HOH HOH B . 
E 3 HOH 31 39 159 HOH HOH B . 
E 3 HOH 32 40 160 HOH HOH B . 
E 3 HOH 33 41 161 HOH HOH B . 
E 3 HOH 34 42 162 HOH HOH B . 
E 3 HOH 35 43 163 HOH HOH B . 
E 3 HOH 36 44 164 HOH HOH B . 
E 3 HOH 37 45 165 HOH HOH B . 
# 
_pdbx_struct_assembly.id                   1 
_pdbx_struct_assembly.details              author_and_software_defined_assembly 
_pdbx_struct_assembly.method_details       PISA 
_pdbx_struct_assembly.oligomeric_details   dimeric 
_pdbx_struct_assembly.oligomeric_count     2 
# 
_pdbx_struct_assembly_gen.assembly_id       1 
_pdbx_struct_assembly_gen.oper_expression   1 
_pdbx_struct_assembly_gen.asym_id_list      A,B,C,D,E 
# 
loop_
_pdbx_struct_assembly_prop.biol_id 
_pdbx_struct_assembly_prop.type 
_pdbx_struct_assembly_prop.value 
_pdbx_struct_assembly_prop.details 
1 'ABSA (A^2)' 830  ? 
1 MORE         -9.7 ? 
1 'SSA (A^2)'  3110 ? 
# 
_pdbx_struct_oper_list.id                   1 
_pdbx_struct_oper_list.type                 'identity operation' 
_pdbx_struct_oper_list.name                 1_555 
_pdbx_struct_oper_list.symmetry_operation   x,y,z 
_pdbx_struct_oper_list.matrix[1][1]         1.0000000000 
_pdbx_struct_oper_list.matrix[1][2]         0.0000000000 
_pdbx_struct_oper_list.matrix[1][3]         0.0000000000 
_pdbx_struct_oper_list.vector[1]            0.0000000000 
_pdbx_struct_oper_list.matrix[2][1]         0.0000000000 
_pdbx_struct_oper_list.matrix[2][2]         1.0000000000 
_pdbx_struct_oper_list.matrix[2][3]         0.0000000000 
_pdbx_struct_oper_list.vector[2]            0.0000000000 
_pdbx_struct_oper_list.matrix[3][1]         0.0000000000 
_pdbx_struct_oper_list.matrix[3][2]         0.0000000000 
_pdbx_struct_oper_list.matrix[3][3]         1.0000000000 
_pdbx_struct_oper_list.vector[3]            0.0000000000 
# 
loop_
_pdbx_struct_conn_angle.id 
_pdbx_struct_conn_angle.ptnr1_label_atom_id 
_pdbx_struct_conn_angle.ptnr1_label_alt_id 
_pdbx_struct_conn_angle.ptnr1_label_asym_id 
_pdbx_struct_conn_angle.ptnr1_label_comp_id 
_pdbx_struct_conn_angle.ptnr1_label_seq_id 
_pdbx_struct_conn_angle.ptnr1_auth_atom_id 
_pdbx_struct_conn_angle.ptnr1_auth_asym_id 
_pdbx_struct_conn_angle.ptnr1_auth_comp_id 
_pdbx_struct_conn_angle.ptnr1_auth_seq_id 
_pdbx_struct_conn_angle.ptnr1_PDB_ins_code 
_pdbx_struct_conn_angle.ptnr1_symmetry 
_pdbx_struct_conn_angle.ptnr2_label_atom_id 
_pdbx_struct_conn_angle.ptnr2_label_alt_id 
_pdbx_struct_conn_angle.ptnr2_label_asym_id 
_pdbx_struct_conn_angle.ptnr2_label_comp_id 
_pdbx_struct_conn_angle.ptnr2_label_seq_id 
_pdbx_struct_conn_angle.ptnr2_auth_atom_id 
_pdbx_struct_conn_angle.ptnr2_auth_asym_id 
_pdbx_struct_conn_angle.ptnr2_auth_comp_id 
_pdbx_struct_conn_angle.ptnr2_auth_seq_id 
_pdbx_struct_conn_angle.ptnr2_PDB_ins_code 
_pdbx_struct_conn_angle.ptnr2_symmetry 
_pdbx_struct_conn_angle.ptnr3_label_atom_id 
_pdbx_struct_conn_angle.ptnr3_label_alt_id 
_pdbx_struct_conn_angle.ptnr3_label_asym_id 
_pdbx_struct_conn_angle.ptnr3_label_comp_id 
_pdbx_struct_conn_angle.ptnr3_label_seq_id 
_pdbx_struct_conn_angle.ptnr3_auth_atom_id 
_pdbx_struct_conn_angle.ptnr3_auth_asym_id 
_pdbx_struct_conn_angle.ptnr3_auth_comp_id 
_pdbx_struct_conn_angle.ptnr3_auth_seq_id 
_pdbx_struct_conn_angle.ptnr3_PDB_ins_code 
_pdbx_struct_conn_angle.ptnr3_symmetry 
_pdbx_struct_conn_angle.value 
_pdbx_struct_conn_angle.value_esd 
1  O ? D HOH . ? A HOH 21 ? 1_555 NA ? C NA . ? A NA 20 ? 1_555 O ? D HOH . ? A HOH 22 ? 1_555 90.0  ? 
2  O ? D HOH . ? A HOH 21 ? 1_555 NA ? C NA . ? A NA 20 ? 1_555 O ? D HOH . ? A HOH 23 ? 1_555 172.2 ? 
3  O ? D HOH . ? A HOH 22 ? 1_555 NA ? C NA . ? A NA 20 ? 1_555 O ? D HOH . ? A HOH 23 ? 1_555 89.9  ? 
4  O ? D HOH . ? A HOH 21 ? 1_555 NA ? C NA . ? A NA 20 ? 1_555 O ? D HOH . ? A HOH 24 ? 1_555 89.5  ? 
5  O ? D HOH . ? A HOH 22 ? 1_555 NA ? C NA . ? A NA 20 ? 1_555 O ? D HOH . ? A HOH 24 ? 1_555 172.6 ? 
6  O ? D HOH . ? A HOH 23 ? 1_555 NA ? C NA . ? A NA 20 ? 1_555 O ? D HOH . ? A HOH 24 ? 1_555 89.5  ? 
7  O ? D HOH . ? A HOH 21 ? 1_555 NA ? C NA . ? A NA 20 ? 1_555 O ? D HOH . ? A HOH 25 ? 1_555 93.9  ? 
8  O ? D HOH . ? A HOH 22 ? 1_555 NA ? C NA . ? A NA 20 ? 1_555 O ? D HOH . ? A HOH 25 ? 1_555 93.6  ? 
9  O ? D HOH . ? A HOH 23 ? 1_555 NA ? C NA . ? A NA 20 ? 1_555 O ? D HOH . ? A HOH 25 ? 1_555 93.8  ? 
10 O ? D HOH . ? A HOH 24 ? 1_555 NA ? C NA . ? A NA 20 ? 1_555 O ? D HOH . ? A HOH 25 ? 1_555 93.8  ? 
# 
loop_
_pdbx_audit_revision_history.ordinal 
_pdbx_audit_revision_history.data_content_type 
_pdbx_audit_revision_history.major_revision 
_pdbx_audit_revision_history.minor_revision 
_pdbx_audit_revision_history.revision_date 
1 'Structure model' 1 0 2008-05-27 
2 'Structure model' 1 1 2011-07-13 
3 'Structure model' 1 2 2023-08-30 
# 
_pdbx_audit_revision_details.ordinal             1 
_pdbx_audit_revision_details.revision_ordinal    1 
_pdbx_audit_revision_details.data_content_type   'Structure model' 
_pdbx_audit_revision_details.provider            repository 
_pdbx_audit_revision_details.type                'Initial release' 
_pdbx_audit_revision_details.description         ? 
_pdbx_audit_revision_details.details             ? 
# 
loop_
_pdbx_audit_revision_group.ordinal 
_pdbx_audit_revision_group.revision_ordinal 
_pdbx_audit_revision_group.data_content_type 
_pdbx_audit_revision_group.group 
1 2 'Structure model' 'Version format compliance' 
2 3 'Structure model' 'Data collection'           
3 3 'Structure model' 'Database references'       
4 3 'Structure model' 'Derived calculations'      
5 3 'Structure model' 'Refinement description'    
# 
loop_
_pdbx_audit_revision_category.ordinal 
_pdbx_audit_revision_category.revision_ordinal 
_pdbx_audit_revision_category.data_content_type 
_pdbx_audit_revision_category.category 
1 3 'Structure model' chem_comp_atom                
2 3 'Structure model' chem_comp_bond                
3 3 'Structure model' database_2                    
4 3 'Structure model' pdbx_initial_refinement_model 
5 3 'Structure model' pdbx_struct_conn_angle        
6 3 'Structure model' struct_conn                   
7 3 'Structure model' struct_site                   
# 
loop_
_pdbx_audit_revision_item.ordinal 
_pdbx_audit_revision_item.revision_ordinal 
_pdbx_audit_revision_item.data_content_type 
_pdbx_audit_revision_item.item 
1  3 'Structure model' '_database_2.pdbx_DOI'                      
2  3 'Structure model' '_database_2.pdbx_database_accession'       
3  3 'Structure model' '_pdbx_struct_conn_angle.ptnr1_auth_seq_id' 
4  3 'Structure model' '_pdbx_struct_conn_angle.ptnr3_auth_seq_id' 
5  3 'Structure model' '_pdbx_struct_conn_angle.value'             
6  3 'Structure model' '_struct_conn.pdbx_dist_value'              
7  3 'Structure model' '_struct_conn.ptnr2_auth_seq_id'            
8  3 'Structure model' '_struct_site.pdbx_auth_asym_id'            
9  3 'Structure model' '_struct_site.pdbx_auth_comp_id'            
10 3 'Structure model' '_struct_site.pdbx_auth_seq_id'             
# 
loop_
_software.name 
_software.classification 
_software.version 
_software.citation_id 
_software.pdbx_ordinal 
SHELXL-97 refinement        .       ? 1 
ADSC      'data collection' Quantum ? 2 
HKL-2000  'data reduction'  .       ? 3 
SCALEPACK 'data scaling'    .       ? 4 
# 
_pdbx_validate_rmsd_angle.id                         1 
_pdbx_validate_rmsd_angle.PDB_model_num              1 
_pdbx_validate_rmsd_angle.auth_atom_id_1             "O4'" 
_pdbx_validate_rmsd_angle.auth_asym_id_1             B 
_pdbx_validate_rmsd_angle.auth_comp_id_1             DG 
_pdbx_validate_rmsd_angle.auth_seq_id_1              1 
_pdbx_validate_rmsd_angle.PDB_ins_code_1             ? 
_pdbx_validate_rmsd_angle.label_alt_id_1             ? 
_pdbx_validate_rmsd_angle.auth_atom_id_2             "C1'" 
_pdbx_validate_rmsd_angle.auth_asym_id_2             B 
_pdbx_validate_rmsd_angle.auth_comp_id_2             DG 
_pdbx_validate_rmsd_angle.auth_seq_id_2              1 
_pdbx_validate_rmsd_angle.PDB_ins_code_2             ? 
_pdbx_validate_rmsd_angle.label_alt_id_2             ? 
_pdbx_validate_rmsd_angle.auth_atom_id_3             N9 
_pdbx_validate_rmsd_angle.auth_asym_id_3             B 
_pdbx_validate_rmsd_angle.auth_comp_id_3             DG 
_pdbx_validate_rmsd_angle.auth_seq_id_3              1 
_pdbx_validate_rmsd_angle.PDB_ins_code_3             ? 
_pdbx_validate_rmsd_angle.label_alt_id_3             ? 
_pdbx_validate_rmsd_angle.angle_value                110.32 
_pdbx_validate_rmsd_angle.angle_target_value         108.30 
_pdbx_validate_rmsd_angle.angle_deviation            2.02 
_pdbx_validate_rmsd_angle.angle_standard_deviation   0.30 
_pdbx_validate_rmsd_angle.linker_flag                N 
# 
loop_
_chem_comp_atom.comp_id 
_chem_comp_atom.atom_id 
_chem_comp_atom.type_symbol 
_chem_comp_atom.pdbx_aromatic_flag 
_chem_comp_atom.pdbx_stereo_config 
_chem_comp_atom.pdbx_ordinal 
DA  OP3    O  N N 1   
DA  P      P  N N 2   
DA  OP1    O  N N 3   
DA  OP2    O  N N 4   
DA  "O5'"  O  N N 5   
DA  "C5'"  C  N N 6   
DA  "C4'"  C  N R 7   
DA  "O4'"  O  N N 8   
DA  "C3'"  C  N S 9   
DA  "O3'"  O  N N 10  
DA  "C2'"  C  N N 11  
DA  "C1'"  C  N R 12  
DA  N9     N  Y N 13  
DA  C8     C  Y N 14  
DA  N7     N  Y N 15  
DA  C5     C  Y N 16  
DA  C6     C  Y N 17  
DA  N6     N  N N 18  
DA  N1     N  Y N 19  
DA  C2     C  Y N 20  
DA  N3     N  Y N 21  
DA  C4     C  Y N 22  
DA  HOP3   H  N N 23  
DA  HOP2   H  N N 24  
DA  "H5'"  H  N N 25  
DA  "H5''" H  N N 26  
DA  "H4'"  H  N N 27  
DA  "H3'"  H  N N 28  
DA  "HO3'" H  N N 29  
DA  "H2'"  H  N N 30  
DA  "H2''" H  N N 31  
DA  "H1'"  H  N N 32  
DA  H8     H  N N 33  
DA  H61    H  N N 34  
DA  H62    H  N N 35  
DA  H2     H  N N 36  
DC  OP3    O  N N 37  
DC  P      P  N N 38  
DC  OP1    O  N N 39  
DC  OP2    O  N N 40  
DC  "O5'"  O  N N 41  
DC  "C5'"  C  N N 42  
DC  "C4'"  C  N R 43  
DC  "O4'"  O  N N 44  
DC  "C3'"  C  N S 45  
DC  "O3'"  O  N N 46  
DC  "C2'"  C  N N 47  
DC  "C1'"  C  N R 48  
DC  N1     N  N N 49  
DC  C2     C  N N 50  
DC  O2     O  N N 51  
DC  N3     N  N N 52  
DC  C4     C  N N 53  
DC  N4     N  N N 54  
DC  C5     C  N N 55  
DC  C6     C  N N 56  
DC  HOP3   H  N N 57  
DC  HOP2   H  N N 58  
DC  "H5'"  H  N N 59  
DC  "H5''" H  N N 60  
DC  "H4'"  H  N N 61  
DC  "H3'"  H  N N 62  
DC  "HO3'" H  N N 63  
DC  "H2'"  H  N N 64  
DC  "H2''" H  N N 65  
DC  "H1'"  H  N N 66  
DC  H41    H  N N 67  
DC  H42    H  N N 68  
DC  H5     H  N N 69  
DC  H6     H  N N 70  
DG  OP3    O  N N 71  
DG  P      P  N N 72  
DG  OP1    O  N N 73  
DG  OP2    O  N N 74  
DG  "O5'"  O  N N 75  
DG  "C5'"  C  N N 76  
DG  "C4'"  C  N R 77  
DG  "O4'"  O  N N 78  
DG  "C3'"  C  N S 79  
DG  "O3'"  O  N N 80  
DG  "C2'"  C  N N 81  
DG  "C1'"  C  N R 82  
DG  N9     N  Y N 83  
DG  C8     C  Y N 84  
DG  N7     N  Y N 85  
DG  C5     C  Y N 86  
DG  C6     C  N N 87  
DG  O6     O  N N 88  
DG  N1     N  N N 89  
DG  C2     C  N N 90  
DG  N2     N  N N 91  
DG  N3     N  N N 92  
DG  C4     C  Y N 93  
DG  HOP3   H  N N 94  
DG  HOP2   H  N N 95  
DG  "H5'"  H  N N 96  
DG  "H5''" H  N N 97  
DG  "H4'"  H  N N 98  
DG  "H3'"  H  N N 99  
DG  "HO3'" H  N N 100 
DG  "H2'"  H  N N 101 
DG  "H2''" H  N N 102 
DG  "H1'"  H  N N 103 
DG  H8     H  N N 104 
DG  H1     H  N N 105 
DG  H21    H  N N 106 
DG  H22    H  N N 107 
DT  OP3    O  N N 108 
DT  P      P  N N 109 
DT  OP1    O  N N 110 
DT  OP2    O  N N 111 
DT  "O5'"  O  N N 112 
DT  "C5'"  C  N N 113 
DT  "C4'"  C  N R 114 
DT  "O4'"  O  N N 115 
DT  "C3'"  C  N S 116 
DT  "O3'"  O  N N 117 
DT  "C2'"  C  N N 118 
DT  "C1'"  C  N R 119 
DT  N1     N  N N 120 
DT  C2     C  N N 121 
DT  O2     O  N N 122 
DT  N3     N  N N 123 
DT  C4     C  N N 124 
DT  O4     O  N N 125 
DT  C5     C  N N 126 
DT  C7     C  N N 127 
DT  C6     C  N N 128 
DT  HOP3   H  N N 129 
DT  HOP2   H  N N 130 
DT  "H5'"  H  N N 131 
DT  "H5''" H  N N 132 
DT  "H4'"  H  N N 133 
DT  "H3'"  H  N N 134 
DT  "HO3'" H  N N 135 
DT  "H2'"  H  N N 136 
DT  "H2''" H  N N 137 
DT  "H1'"  H  N N 138 
DT  H3     H  N N 139 
DT  H71    H  N N 140 
DT  H72    H  N N 141 
DT  H73    H  N N 142 
DT  H6     H  N N 143 
HOH O      O  N N 144 
HOH H1     H  N N 145 
HOH H2     H  N N 146 
NA  NA     NA N N 147 
# 
loop_
_chem_comp_bond.comp_id 
_chem_comp_bond.atom_id_1 
_chem_comp_bond.atom_id_2 
_chem_comp_bond.value_order 
_chem_comp_bond.pdbx_aromatic_flag 
_chem_comp_bond.pdbx_stereo_config 
_chem_comp_bond.pdbx_ordinal 
DA  OP3   P      sing N N 1   
DA  OP3   HOP3   sing N N 2   
DA  P     OP1    doub N N 3   
DA  P     OP2    sing N N 4   
DA  P     "O5'"  sing N N 5   
DA  OP2   HOP2   sing N N 6   
DA  "O5'" "C5'"  sing N N 7   
DA  "C5'" "C4'"  sing N N 8   
DA  "C5'" "H5'"  sing N N 9   
DA  "C5'" "H5''" sing N N 10  
DA  "C4'" "O4'"  sing N N 11  
DA  "C4'" "C3'"  sing N N 12  
DA  "C4'" "H4'"  sing N N 13  
DA  "O4'" "C1'"  sing N N 14  
DA  "C3'" "O3'"  sing N N 15  
DA  "C3'" "C2'"  sing N N 16  
DA  "C3'" "H3'"  sing N N 17  
DA  "O3'" "HO3'" sing N N 18  
DA  "C2'" "C1'"  sing N N 19  
DA  "C2'" "H2'"  sing N N 20  
DA  "C2'" "H2''" sing N N 21  
DA  "C1'" N9     sing N N 22  
DA  "C1'" "H1'"  sing N N 23  
DA  N9    C8     sing Y N 24  
DA  N9    C4     sing Y N 25  
DA  C8    N7     doub Y N 26  
DA  C8    H8     sing N N 27  
DA  N7    C5     sing Y N 28  
DA  C5    C6     sing Y N 29  
DA  C5    C4     doub Y N 30  
DA  C6    N6     sing N N 31  
DA  C6    N1     doub Y N 32  
DA  N6    H61    sing N N 33  
DA  N6    H62    sing N N 34  
DA  N1    C2     sing Y N 35  
DA  C2    N3     doub Y N 36  
DA  C2    H2     sing N N 37  
DA  N3    C4     sing Y N 38  
DC  OP3   P      sing N N 39  
DC  OP3   HOP3   sing N N 40  
DC  P     OP1    doub N N 41  
DC  P     OP2    sing N N 42  
DC  P     "O5'"  sing N N 43  
DC  OP2   HOP2   sing N N 44  
DC  "O5'" "C5'"  sing N N 45  
DC  "C5'" "C4'"  sing N N 46  
DC  "C5'" "H5'"  sing N N 47  
DC  "C5'" "H5''" sing N N 48  
DC  "C4'" "O4'"  sing N N 49  
DC  "C4'" "C3'"  sing N N 50  
DC  "C4'" "H4'"  sing N N 51  
DC  "O4'" "C1'"  sing N N 52  
DC  "C3'" "O3'"  sing N N 53  
DC  "C3'" "C2'"  sing N N 54  
DC  "C3'" "H3'"  sing N N 55  
DC  "O3'" "HO3'" sing N N 56  
DC  "C2'" "C1'"  sing N N 57  
DC  "C2'" "H2'"  sing N N 58  
DC  "C2'" "H2''" sing N N 59  
DC  "C1'" N1     sing N N 60  
DC  "C1'" "H1'"  sing N N 61  
DC  N1    C2     sing N N 62  
DC  N1    C6     sing N N 63  
DC  C2    O2     doub N N 64  
DC  C2    N3     sing N N 65  
DC  N3    C4     doub N N 66  
DC  C4    N4     sing N N 67  
DC  C4    C5     sing N N 68  
DC  N4    H41    sing N N 69  
DC  N4    H42    sing N N 70  
DC  C5    C6     doub N N 71  
DC  C5    H5     sing N N 72  
DC  C6    H6     sing N N 73  
DG  OP3   P      sing N N 74  
DG  OP3   HOP3   sing N N 75  
DG  P     OP1    doub N N 76  
DG  P     OP2    sing N N 77  
DG  P     "O5'"  sing N N 78  
DG  OP2   HOP2   sing N N 79  
DG  "O5'" "C5'"  sing N N 80  
DG  "C5'" "C4'"  sing N N 81  
DG  "C5'" "H5'"  sing N N 82  
DG  "C5'" "H5''" sing N N 83  
DG  "C4'" "O4'"  sing N N 84  
DG  "C4'" "C3'"  sing N N 85  
DG  "C4'" "H4'"  sing N N 86  
DG  "O4'" "C1'"  sing N N 87  
DG  "C3'" "O3'"  sing N N 88  
DG  "C3'" "C2'"  sing N N 89  
DG  "C3'" "H3'"  sing N N 90  
DG  "O3'" "HO3'" sing N N 91  
DG  "C2'" "C1'"  sing N N 92  
DG  "C2'" "H2'"  sing N N 93  
DG  "C2'" "H2''" sing N N 94  
DG  "C1'" N9     sing N N 95  
DG  "C1'" "H1'"  sing N N 96  
DG  N9    C8     sing Y N 97  
DG  N9    C4     sing Y N 98  
DG  C8    N7     doub Y N 99  
DG  C8    H8     sing N N 100 
DG  N7    C5     sing Y N 101 
DG  C5    C6     sing N N 102 
DG  C5    C4     doub Y N 103 
DG  C6    O6     doub N N 104 
DG  C6    N1     sing N N 105 
DG  N1    C2     sing N N 106 
DG  N1    H1     sing N N 107 
DG  C2    N2     sing N N 108 
DG  C2    N3     doub N N 109 
DG  N2    H21    sing N N 110 
DG  N2    H22    sing N N 111 
DG  N3    C4     sing N N 112 
DT  OP3   P      sing N N 113 
DT  OP3   HOP3   sing N N 114 
DT  P     OP1    doub N N 115 
DT  P     OP2    sing N N 116 
DT  P     "O5'"  sing N N 117 
DT  OP2   HOP2   sing N N 118 
DT  "O5'" "C5'"  sing N N 119 
DT  "C5'" "C4'"  sing N N 120 
DT  "C5'" "H5'"  sing N N 121 
DT  "C5'" "H5''" sing N N 122 
DT  "C4'" "O4'"  sing N N 123 
DT  "C4'" "C3'"  sing N N 124 
DT  "C4'" "H4'"  sing N N 125 
DT  "O4'" "C1'"  sing N N 126 
DT  "C3'" "O3'"  sing N N 127 
DT  "C3'" "C2'"  sing N N 128 
DT  "C3'" "H3'"  sing N N 129 
DT  "O3'" "HO3'" sing N N 130 
DT  "C2'" "C1'"  sing N N 131 
DT  "C2'" "H2'"  sing N N 132 
DT  "C2'" "H2''" sing N N 133 
DT  "C1'" N1     sing N N 134 
DT  "C1'" "H1'"  sing N N 135 
DT  N1    C2     sing N N 136 
DT  N1    C6     sing N N 137 
DT  C2    O2     doub N N 138 
DT  C2    N3     sing N N 139 
DT  N3    C4     sing N N 140 
DT  N3    H3     sing N N 141 
DT  C4    O4     doub N N 142 
DT  C4    C5     sing N N 143 
DT  C5    C7     sing N N 144 
DT  C5    C6     doub N N 145 
DT  C7    H71    sing N N 146 
DT  C7    H72    sing N N 147 
DT  C7    H73    sing N N 148 
DT  C6    H6     sing N N 149 
HOH O     H1     sing N N 150 
HOH O     H2     sing N N 151 
# 
_ndb_struct_conf_na.entry_id   2PLO 
_ndb_struct_conf_na.feature    'a-form double helix' 
# 
loop_
_ndb_struct_na_base_pair.model_number 
_ndb_struct_na_base_pair.i_label_asym_id 
_ndb_struct_na_base_pair.i_label_comp_id 
_ndb_struct_na_base_pair.i_label_seq_id 
_ndb_struct_na_base_pair.i_symmetry 
_ndb_struct_na_base_pair.j_label_asym_id 
_ndb_struct_na_base_pair.j_label_comp_id 
_ndb_struct_na_base_pair.j_label_seq_id 
_ndb_struct_na_base_pair.j_symmetry 
_ndb_struct_na_base_pair.shear 
_ndb_struct_na_base_pair.stretch 
_ndb_struct_na_base_pair.stagger 
_ndb_struct_na_base_pair.buckle 
_ndb_struct_na_base_pair.propeller 
_ndb_struct_na_base_pair.opening 
_ndb_struct_na_base_pair.pair_number 
_ndb_struct_na_base_pair.pair_name 
_ndb_struct_na_base_pair.i_auth_asym_id 
_ndb_struct_na_base_pair.i_auth_seq_id 
_ndb_struct_na_base_pair.i_PDB_ins_code 
_ndb_struct_na_base_pair.j_auth_asym_id 
_ndb_struct_na_base_pair.j_auth_seq_id 
_ndb_struct_na_base_pair.j_PDB_ins_code 
_ndb_struct_na_base_pair.hbond_type_28 
_ndb_struct_na_base_pair.hbond_type_12 
1 A DG 1 1_555 B DC 8 1_555 -0.217 -0.086 -0.071 -5.604  -2.982  -2.712 1 A_DG1:DC8_B A 1 ? B 8 ? 19 1 
1 A DG 2 1_555 B DC 7 1_555 -0.306 -0.130 -0.113 -10.329 -14.035 0.276  2 A_DG2:DC7_B A 2 ? B 7 ? 19 1 
1 A DT 3 1_555 B DA 6 1_555 -0.177 -0.074 0.180  -6.519  -10.451 -5.392 3 A_DT3:DA6_B A 3 ? B 6 ? 20 1 
1 A DA 4 1_555 B DT 5 1_555 0.138  -0.099 0.135  -0.935  -11.696 -0.413 4 A_DA4:DT5_B A 4 ? B 5 ? 20 1 
1 A DT 5 1_555 B DA 4 1_555 -0.082 -0.038 0.088  8.596   -14.142 4.931  5 A_DT5:DA4_B A 5 ? B 4 ? 20 1 
1 A DA 6 1_555 B DT 3 1_555 0.008  -0.137 -0.114 5.642   -13.694 0.847  6 A_DA6:DT3_B A 6 ? B 3 ? 20 1 
1 A DC 7 1_555 B DG 2 1_555 0.377  -0.005 -0.085 9.398   -10.817 3.748  7 A_DC7:DG2_B A 7 ? B 2 ? 19 1 
1 A DC 8 1_555 B DG 1 1_555 0.287  -0.049 -0.168 10.688  -0.006  -0.592 8 A_DC8:DG1_B A 8 ? B 1 ? 19 1 
# 
loop_
_ndb_struct_na_base_pair_step.model_number 
_ndb_struct_na_base_pair_step.i_label_asym_id_1 
_ndb_struct_na_base_pair_step.i_label_comp_id_1 
_ndb_struct_na_base_pair_step.i_label_seq_id_1 
_ndb_struct_na_base_pair_step.i_symmetry_1 
_ndb_struct_na_base_pair_step.j_label_asym_id_1 
_ndb_struct_na_base_pair_step.j_label_comp_id_1 
_ndb_struct_na_base_pair_step.j_label_seq_id_1 
_ndb_struct_na_base_pair_step.j_symmetry_1 
_ndb_struct_na_base_pair_step.i_label_asym_id_2 
_ndb_struct_na_base_pair_step.i_label_comp_id_2 
_ndb_struct_na_base_pair_step.i_label_seq_id_2 
_ndb_struct_na_base_pair_step.i_symmetry_2 
_ndb_struct_na_base_pair_step.j_label_asym_id_2 
_ndb_struct_na_base_pair_step.j_label_comp_id_2 
_ndb_struct_na_base_pair_step.j_label_seq_id_2 
_ndb_struct_na_base_pair_step.j_symmetry_2 
_ndb_struct_na_base_pair_step.shift 
_ndb_struct_na_base_pair_step.slide 
_ndb_struct_na_base_pair_step.rise 
_ndb_struct_na_base_pair_step.tilt 
_ndb_struct_na_base_pair_step.roll 
_ndb_struct_na_base_pair_step.twist 
_ndb_struct_na_base_pair_step.x_displacement 
_ndb_struct_na_base_pair_step.y_displacement 
_ndb_struct_na_base_pair_step.helical_rise 
_ndb_struct_na_base_pair_step.inclination 
_ndb_struct_na_base_pair_step.tip 
_ndb_struct_na_base_pair_step.helical_twist 
_ndb_struct_na_base_pair_step.step_number 
_ndb_struct_na_base_pair_step.step_name 
_ndb_struct_na_base_pair_step.i_auth_asym_id_1 
_ndb_struct_na_base_pair_step.i_auth_seq_id_1 
_ndb_struct_na_base_pair_step.i_PDB_ins_code_1 
_ndb_struct_na_base_pair_step.j_auth_asym_id_1 
_ndb_struct_na_base_pair_step.j_auth_seq_id_1 
_ndb_struct_na_base_pair_step.j_PDB_ins_code_1 
_ndb_struct_na_base_pair_step.i_auth_asym_id_2 
_ndb_struct_na_base_pair_step.i_auth_seq_id_2 
_ndb_struct_na_base_pair_step.i_PDB_ins_code_2 
_ndb_struct_na_base_pair_step.j_auth_asym_id_2 
_ndb_struct_na_base_pair_step.j_auth_seq_id_2 
_ndb_struct_na_base_pair_step.j_PDB_ins_code_2 
1 A DG 1 1_555 B DC 8 1_555 A DG 2 1_555 B DC 7 1_555 0.190  -2.075 3.391 0.813  8.595  32.297 -4.975 -0.202 2.767 15.116 -1.429 
33.401 1 AA_DG1DG2:DC7DC8_BB A 1 ? B 8 ? A 2 ? B 7 ? 
1 A DG 2 1_555 B DC 7 1_555 A DT 3 1_555 B DA 6 1_555 -0.655 -1.399 3.216 -1.598 0.818  33.116 -2.587 0.884  3.209 1.435  2.801  
33.163 2 AA_DG2DT3:DA6DC7_BB A 2 ? B 7 ? A 3 ? B 6 ? 
1 A DT 3 1_555 B DA 6 1_555 A DA 4 1_555 B DT 5 1_555 0.342  -1.236 3.094 0.147  9.416  30.431 -3.789 -0.599 2.606 17.421 -0.272 
31.822 3 AA_DT3DA4:DT5DA6_BB A 3 ? B 6 ? A 4 ? B 5 ? 
1 A DA 4 1_555 B DT 5 1_555 A DT 5 1_555 B DA 4 1_555 0.638  -1.226 3.122 1.000  3.977  31.421 -2.931 -0.996 2.967 7.305  -1.837 
31.681 4 AA_DA4DT5:DA4DT5_BB A 4 ? B 5 ? A 5 ? B 4 ? 
1 A DT 5 1_555 B DA 4 1_555 A DA 6 1_555 B DT 3 1_555 -0.571 -1.324 3.278 0.789  12.495 30.960 -4.233 1.118  2.553 22.297 -1.407 
33.338 5 AA_DT5DA6:DT3DA4_BB A 5 ? B 4 ? A 6 ? B 3 ? 
1 A DA 6 1_555 B DT 3 1_555 A DC 7 1_555 B DG 2 1_555 0.727  -1.426 3.216 0.269  4.745  33.107 -3.227 -1.221 2.994 8.274  -0.469 
33.437 6 AA_DA6DC7:DG2DT3_BB A 6 ? B 3 ? A 7 ? B 2 ? 
1 A DC 7 1_555 B DG 2 1_555 A DC 8 1_555 B DG 1 1_555 -0.262 -1.653 3.366 0.226  9.427  30.420 -4.663 0.518  2.742 17.447 -0.419 
31.815 7 AA_DC7DC8:DG1DG2_BB A 7 ? B 2 ? A 8 ? B 1 ? 
# 
loop_
_pdbx_entity_nonpoly.entity_id 
_pdbx_entity_nonpoly.name 
_pdbx_entity_nonpoly.comp_id 
2 'SODIUM ION' NA  
3 water        HOH 
# 
_pdbx_initial_refinement_model.id               1 
_pdbx_initial_refinement_model.entity_id_list   ? 
_pdbx_initial_refinement_model.type             'experimental model' 
_pdbx_initial_refinement_model.source_name      PDB 
_pdbx_initial_refinement_model.accession_code   2PL8 
_pdbx_initial_refinement_model.details          ? 
# 
